data_3WLH
#
_entry.id   3WLH
#
_cell.length_a   101.015
_cell.length_b   101.015
_cell.length_c   182.060
_cell.angle_alpha   90.00
_cell.angle_beta   90.00
_cell.angle_gamma   90.00
#
_symmetry.space_group_name_H-M   'P 43 21 2'
#
loop_
_entity.id
_entity.type
_entity.pdbx_description
1 polymer 'Beta-D-glucan exohydrolase isoenzyme ExoI'
2 branched beta-D-mannopyranose-(1-4)-2-acetamido-2-deoxy-beta-D-glucopyranose-(1-4)-2-acetamido-2-deoxy-beta-D-glucopyranose
3 branched 2-acetamido-2-deoxy-beta-D-glucopyranose-(1-2)-alpha-D-mannopyranose-(1-6)-beta-D-mannopyranose-(1-4)-2-acetamido-2-deoxy-beta-D-glucopyranose-(1-4)-[beta-L-fucopyranose-(1-3)]2-acetamido-2-deoxy-beta-D-glucopyranose
4 branched beta-D-xylopyranose-(1-2)-beta-D-mannopyranose-(1-4)-2-acetamido-2-deoxy-beta-D-glucopyranose-(1-4)-[beta-L-fucopyranose-(1-3)]2-acetamido-2-deoxy-beta-D-glucopyranose
5 non-polymer beta-D-glucopyranose
6 non-polymer GLYCEROL
7 non-polymer 'SULFATE ION'
8 water water
#
_entity_poly.entity_id   1
_entity_poly.type   'polypeptide(L)'
_entity_poly.pdbx_seq_one_letter_code
;DYVLYKDATKPVEDRVADLLGRMTLAEKIGQMTQIERLVATPDVLRDNFIGSLLSGGGSVPRKGATAKEWQDMVDGFQKA
CMSTRLGIPMIYGIDAVHGQNNVYGATIFPHNVGLGATRDPYLVKRIGEATALEVRATGIQYAFAPCIAVCRDPRWGRCY
ESYSEDRRIVQSMTELIPGLQGDVPKDFTSGMPFVAGKNKVAACAKHFVGDGGTVDGINENNTIINREGLMNIHMPAYKN
AMDKGVSTVMISYSSWNGVKMHANQDLVTGYLKDTLKFKGFVISDWEGIDRITTPAGSDYSYSVKASILAGLDMIMVPNK
YQQFISILTGHVNGGVIPMSRIDDAVTRILRVKFTMGLFENPYADPAMAEQLGKQEHRDLAREAARKSLVLLKNGKTSTD
APLLPLPKKAPKILVAGSHADNLGYQCGGWTIEWQGDTGRTTVGTTILEAVKAAVDPSTVVVFAENPDAEFVKSGGFSYA
IVAVGEHPYTETKGDNLNLTIPEPGLSTVQAVCGGVRCATVLISGRPVVVQPLLAASDALVAAWLPGSEGQGVTDALFGD
FGFTGRLPRTWFKSVDQLPMNVGDAHYDPLFRLGYGLTTNATKKY
;
_entity_poly.pdbx_strand_id   A
#
loop_
_chem_comp.id
_chem_comp.type
_chem_comp.name
_chem_comp.formula
BGC D-saccharide, beta linking beta-D-glucopyranose 'C6 H12 O6'
BMA D-saccharide, beta linking beta-D-mannopyranose 'C6 H12 O6'
FUL L-saccharide, beta linking beta-L-fucopyranose 'C6 H12 O5'
GOL non-polymer GLYCEROL 'C3 H8 O3'
MAN D-saccharide, alpha linking alpha-D-mannopyranose 'C6 H12 O6'
NAG D-saccharide, beta linking 2-acetamido-2-deoxy-beta-D-glucopyranose 'C8 H15 N O6'
SO4 non-polymer 'SULFATE ION' 'O4 S -2'
XYP D-saccharide, beta linking beta-D-xylopyranose 'C5 H10 O5'
#
# COMPACT_ATOMS: atom_id res chain seq x y z
N ASP A 1 -13.75 43.63 -5.59
CA ASP A 1 -13.27 43.82 -4.20
C ASP A 1 -12.30 42.71 -3.74
N TYR A 2 -11.97 42.76 -2.46
CA TYR A 2 -11.05 41.82 -1.83
C TYR A 2 -11.72 40.43 -1.81
N VAL A 3 -10.94 39.40 -2.18
CA VAL A 3 -11.45 38.03 -2.24
C VAL A 3 -10.71 37.22 -1.17
N LEU A 4 -11.40 37.00 -0.06
CA LEU A 4 -10.74 36.44 1.13
C LEU A 4 -10.14 35.05 0.85
N TYR A 5 -10.81 34.23 0.04
CA TYR A 5 -10.33 32.83 -0.10
C TYR A 5 -8.97 32.75 -0.82
N LYS A 6 -8.63 33.80 -1.57
CA LYS A 6 -7.40 33.82 -2.33
C LYS A 6 -6.24 34.37 -1.50
N ASP A 7 -6.52 34.75 -0.26
CA ASP A 7 -5.53 35.38 0.60
C ASP A 7 -4.86 34.35 1.48
N ALA A 8 -3.62 34.03 1.14
CA ALA A 8 -2.82 33.01 1.86
C ALA A 8 -2.61 33.25 3.36
N THR A 9 -2.85 34.48 3.84
CA THR A 9 -2.59 34.83 5.24
C THR A 9 -3.79 34.58 6.13
N LYS A 10 -4.94 34.25 5.53
CA LYS A 10 -6.16 34.08 6.28
C LYS A 10 -6.30 32.64 6.83
N PRO A 11 -7.02 32.46 7.94
CA PRO A 11 -7.25 31.10 8.50
C PRO A 11 -7.98 30.20 7.52
N VAL A 12 -7.61 28.91 7.50
CA VAL A 12 -8.24 27.94 6.62
C VAL A 12 -9.77 27.95 6.70
N GLU A 13 -10.34 27.97 7.91
CA GLU A 13 -11.79 27.91 8.01
C GLU A 13 -12.51 29.10 7.35
N ASP A 14 -11.93 30.28 7.52
CA ASP A 14 -12.41 31.52 6.82
C ASP A 14 -12.31 31.42 5.30
N ARG A 15 -11.20 30.87 4.82
CA ARG A 15 -11.01 30.71 3.37
C ARG A 15 -12.01 29.70 2.83
N VAL A 16 -12.16 28.57 3.52
CA VAL A 16 -13.18 27.59 3.10
C VAL A 16 -14.57 28.22 2.98
N ALA A 17 -15.02 28.89 4.04
CA ALA A 17 -16.38 29.47 4.08
C ALA A 17 -16.54 30.53 3.00
N ASP A 18 -15.52 31.37 2.84
CA ASP A 18 -15.55 32.42 1.81
C ASP A 18 -15.71 31.82 0.41
N LEU A 19 -14.96 30.76 0.12
CA LEU A 19 -15.04 30.15 -1.18
C LEU A 19 -16.36 29.42 -1.34
N LEU A 20 -16.75 28.62 -0.33
CA LEU A 20 -17.98 27.85 -0.45
C LEU A 20 -19.21 28.75 -0.78
N GLY A 21 -19.27 29.91 -0.13
CA GLY A 21 -20.40 30.84 -0.33
C GLY A 21 -20.52 31.38 -1.74
N ARG A 22 -19.47 31.23 -2.54
CA ARG A 22 -19.47 31.76 -3.92
C ARG A 22 -19.82 30.71 -4.95
N MET A 23 -19.86 29.43 -4.53
CA MET A 23 -19.91 28.38 -5.53
C MET A 23 -21.31 28.04 -6.05
N THR A 24 -21.44 27.75 -7.34
CA THR A 24 -22.69 27.21 -7.88
C THR A 24 -22.84 25.72 -7.54
N LEU A 25 -24.03 25.16 -7.75
CA LEU A 25 -24.20 23.71 -7.57
C LEU A 25 -23.20 22.91 -8.42
N ALA A 26 -23.05 23.28 -9.69
CA ALA A 26 -22.13 22.61 -10.61
C ALA A 26 -20.69 22.65 -10.07
N GLU A 27 -20.29 23.79 -9.50
CA GLU A 27 -18.93 23.95 -8.97
C GLU A 27 -18.75 23.06 -7.74
N LYS A 28 -19.82 22.97 -6.91
CA LYS A 28 -19.81 22.13 -5.69
C LYS A 28 -19.72 20.65 -6.08
N ILE A 29 -20.60 20.21 -6.98
CA ILE A 29 -20.59 18.78 -7.39
C ILE A 29 -19.27 18.42 -8.11
N GLY A 30 -18.72 19.38 -8.86
CA GLY A 30 -17.43 19.19 -9.47
C GLY A 30 -16.35 18.85 -8.44
N GLN A 31 -16.32 19.56 -7.32
CA GLN A 31 -15.28 19.32 -6.27
C GLN A 31 -15.38 17.87 -5.76
N MET A 32 -16.61 17.36 -5.74
CA MET A 32 -16.89 16.00 -5.21
C MET A 32 -16.55 14.89 -6.20
N THR A 33 -16.07 15.26 -7.39
CA THR A 33 -15.92 14.29 -8.44
C THR A 33 -14.42 14.07 -8.71
N GLN A 34 -13.98 12.81 -8.60
CA GLN A 34 -12.63 12.47 -8.92
C GLN A 34 -12.65 11.57 -10.16
N ILE A 35 -11.85 11.92 -11.15
CA ILE A 35 -11.84 11.14 -12.40
C ILE A 35 -10.44 10.60 -12.78
N GLU A 36 -10.42 9.53 -13.56
CA GLU A 36 -9.19 8.94 -14.04
C GLU A 36 -8.51 9.94 -15.00
N ARG A 37 -7.20 10.08 -14.88
CA ARG A 37 -6.42 10.80 -15.96
C ARG A 37 -6.80 10.26 -17.38
N LEU A 38 -7.18 8.97 -17.47
CA LEU A 38 -7.51 8.38 -18.78
C LEU A 38 -8.73 9.02 -19.46
N VAL A 39 -9.64 9.61 -18.67
CA VAL A 39 -10.84 10.26 -19.24
C VAL A 39 -10.75 11.81 -19.15
N ALA A 40 -9.63 12.31 -18.63
CA ALA A 40 -9.48 13.77 -18.40
C ALA A 40 -8.99 14.45 -19.67
N THR A 41 -9.54 15.64 -19.93
CA THR A 41 -9.02 16.57 -20.96
C THR A 41 -9.16 17.97 -20.36
N PRO A 42 -8.44 18.96 -20.92
CA PRO A 42 -8.64 20.32 -20.41
C PRO A 42 -10.09 20.80 -20.40
N ASP A 43 -10.84 20.53 -21.46
CA ASP A 43 -12.25 20.95 -21.55
C ASP A 43 -13.10 20.21 -20.53
N VAL A 44 -12.81 18.93 -20.31
CA VAL A 44 -13.59 18.17 -19.34
C VAL A 44 -13.39 18.73 -17.94
N LEU A 45 -12.14 19.05 -17.61
CA LEU A 45 -11.77 19.52 -16.27
C LEU A 45 -12.33 20.88 -16.02
N ARG A 46 -12.27 21.73 -17.05
CA ARG A 46 -12.78 23.08 -16.94
C ARG A 46 -14.31 23.07 -16.93
N ASP A 47 -14.94 22.40 -17.92
CA ASP A 47 -16.40 22.44 -18.06
C ASP A 47 -17.18 21.83 -16.91
N ASN A 48 -16.59 20.81 -16.27
CA ASN A 48 -17.24 20.12 -15.14
C ASN A 48 -16.67 20.52 -13.76
N PHE A 49 -15.77 21.51 -13.73
CA PHE A 49 -15.22 22.03 -12.49
C PHE A 49 -14.67 20.89 -11.62
N ILE A 50 -14.00 19.98 -12.27
CA ILE A 50 -13.53 18.71 -11.61
C ILE A 50 -12.61 19.00 -10.42
N GLY A 51 -12.83 18.29 -9.30
CA GLY A 51 -12.10 18.53 -8.08
C GLY A 51 -10.83 17.70 -7.91
N SER A 52 -10.77 16.53 -8.58
CA SER A 52 -9.61 15.65 -8.37
C SER A 52 -9.40 14.73 -9.54
N LEU A 53 -8.15 14.30 -9.76
CA LEU A 53 -7.82 13.25 -10.73
C LEU A 53 -7.08 12.16 -9.98
N LEU A 54 -7.05 10.96 -10.57
CA LEU A 54 -6.15 9.93 -10.08
C LEU A 54 -5.59 9.13 -11.22
N SER A 55 -4.47 8.46 -10.92
CA SER A 55 -4.00 7.32 -11.70
C SER A 55 -4.37 6.09 -10.89
N GLY A 56 -5.20 5.24 -11.49
CA GLY A 56 -5.37 3.85 -10.97
C GLY A 56 -4.08 3.07 -11.20
N GLY A 57 -4.02 1.82 -10.71
CA GLY A 57 -2.82 1.04 -10.95
C GLY A 57 -2.48 0.93 -12.44
N GLY A 58 -1.21 1.24 -12.80
CA GLY A 58 -0.73 1.16 -14.18
C GLY A 58 -1.20 2.30 -15.06
N SER A 59 -1.88 3.31 -14.48
CA SER A 59 -2.38 4.43 -15.33
C SER A 59 -1.26 5.47 -15.37
N VAL A 60 -0.44 5.42 -16.43
CA VAL A 60 0.77 6.22 -16.51
C VAL A 60 0.81 6.92 -17.89
N PRO A 61 1.49 8.08 -17.96
CA PRO A 61 1.51 8.84 -19.26
C PRO A 61 2.22 8.09 -20.41
N ARG A 62 3.21 7.28 -20.07
CA ARG A 62 4.02 6.57 -21.06
C ARG A 62 4.76 5.49 -20.29
N LYS A 63 4.99 4.34 -20.92
CA LYS A 63 5.95 3.39 -20.32
C LYS A 63 7.28 4.07 -20.11
N GLY A 64 7.88 3.91 -18.92
CA GLY A 64 9.20 4.48 -18.67
C GLY A 64 9.22 6.00 -18.52
N ALA A 65 8.05 6.62 -18.34
CA ALA A 65 8.00 8.11 -18.24
C ALA A 65 8.92 8.62 -17.12
N THR A 66 9.62 9.73 -17.36
CA THR A 66 10.48 10.36 -16.34
C THR A 66 9.65 11.15 -15.31
N ALA A 67 10.25 11.51 -14.18
CA ALA A 67 9.61 12.38 -13.17
C ALA A 67 9.07 13.66 -13.85
N LYS A 68 9.88 14.24 -14.75
CA LYS A 68 9.43 15.44 -15.45
C LYS A 68 8.19 15.22 -16.33
N GLU A 69 8.14 14.09 -17.04
CA GLU A 69 6.93 13.76 -17.80
C GLU A 69 5.69 13.68 -16.92
N TRP A 70 5.84 13.05 -15.75
CA TRP A 70 4.73 13.08 -14.80
C TRP A 70 4.34 14.51 -14.38
N GLN A 71 5.34 15.32 -14.02
CA GLN A 71 5.08 16.71 -13.56
C GLN A 71 4.35 17.49 -14.66
N ASP A 72 4.82 17.35 -15.88
CA ASP A 72 4.18 18.03 -17.04
C ASP A 72 2.74 17.58 -17.25
N MET A 73 2.47 16.28 -17.04
CA MET A 73 1.11 15.78 -17.17
C MET A 73 0.21 16.41 -16.08
N VAL A 74 0.67 16.34 -14.83
CA VAL A 74 -0.12 16.82 -13.72
C VAL A 74 -0.35 18.35 -13.88
N ASP A 75 0.73 19.07 -14.18
CA ASP A 75 0.59 20.51 -14.41
C ASP A 75 -0.38 20.88 -15.57
N GLY A 76 -0.43 20.09 -16.64
CA GLY A 76 -1.39 20.28 -17.75
C GLY A 76 -2.82 20.19 -17.27
N PHE A 77 -3.09 19.20 -16.41
CA PHE A 77 -4.41 19.10 -15.80
C PHE A 77 -4.69 20.29 -14.87
N GLN A 78 -3.68 20.71 -14.10
CA GLN A 78 -3.88 21.74 -13.10
C GLN A 78 -4.19 23.06 -13.80
N LYS A 79 -3.50 23.29 -14.92
CA LYS A 79 -3.68 24.55 -15.68
C LYS A 79 -5.12 24.68 -16.12
N ALA A 80 -5.73 23.55 -16.53
CA ALA A 80 -7.15 23.56 -16.90
C ALA A 80 -8.02 23.89 -15.69
N CYS A 81 -7.77 23.24 -14.54
CA CYS A 81 -8.57 23.51 -13.36
C CYS A 81 -8.41 24.96 -12.88
N MET A 82 -7.20 25.49 -12.95
CA MET A 82 -6.92 26.84 -12.44
C MET A 82 -7.57 27.90 -13.34
N SER A 83 -7.97 27.49 -14.54
CA SER A 83 -8.59 28.42 -15.52
C SER A 83 -10.12 28.56 -15.38
N THR A 84 -10.71 27.83 -14.44
CA THR A 84 -12.11 27.99 -14.13
C THR A 84 -12.36 29.34 -13.45
N ARG A 85 -13.63 29.71 -13.39
CA ARG A 85 -14.05 30.97 -12.78
C ARG A 85 -13.48 31.19 -11.39
N LEU A 86 -13.48 30.14 -10.55
CA LEU A 86 -12.98 30.29 -9.18
C LEU A 86 -11.52 29.82 -9.02
N GLY A 87 -10.99 29.13 -10.05
CA GLY A 87 -9.58 28.70 -10.09
C GLY A 87 -9.27 27.78 -8.89
N ILE A 88 -10.16 26.81 -8.63
CA ILE A 88 -9.90 25.86 -7.53
C ILE A 88 -8.93 24.77 -8.04
N PRO A 89 -7.73 24.65 -7.41
CA PRO A 89 -6.76 23.68 -7.91
C PRO A 89 -7.31 22.25 -7.66
N MET A 90 -7.03 21.36 -8.60
CA MET A 90 -7.37 19.95 -8.37
C MET A 90 -6.28 19.29 -7.52
N ILE A 91 -6.67 18.21 -6.85
CA ILE A 91 -5.68 17.37 -6.13
C ILE A 91 -5.58 16.06 -6.90
N TYR A 92 -4.35 15.58 -7.09
CA TYR A 92 -4.11 14.37 -7.93
C TYR A 92 -3.69 13.28 -6.99
N GLY A 93 -4.41 12.13 -7.03
CA GLY A 93 -4.06 11.02 -6.13
C GLY A 93 -3.52 9.80 -6.86
N ILE A 94 -2.80 8.95 -6.12
CA ILE A 94 -2.25 7.73 -6.69
C ILE A 94 -2.00 6.71 -5.57
N ASP A 95 -2.00 5.44 -5.94
CA ASP A 95 -1.59 4.37 -4.97
C ASP A 95 -0.07 4.33 -4.87
N ALA A 96 0.48 5.18 -4.00
CA ALA A 96 1.90 5.09 -3.63
C ALA A 96 1.87 4.32 -2.32
N VAL A 97 1.91 2.98 -2.42
CA VAL A 97 1.66 2.12 -1.25
C VAL A 97 2.90 1.34 -0.79
N HIS A 98 3.94 1.33 -1.60
CA HIS A 98 5.27 0.88 -1.12
C HIS A 98 6.34 1.61 -1.92
N GLY A 99 6.40 2.93 -1.71
CA GLY A 99 7.12 3.79 -2.67
C GLY A 99 6.09 4.36 -3.64
N GLN A 100 6.59 5.15 -4.59
CA GLN A 100 5.74 5.74 -5.65
C GLN A 100 5.68 4.67 -6.77
N ASN A 101 4.98 3.58 -6.47
CA ASN A 101 5.23 2.28 -7.15
C ASN A 101 4.74 2.15 -8.62
N ASN A 102 3.88 3.09 -9.08
CA ASN A 102 3.47 3.11 -10.51
C ASN A 102 4.58 3.65 -11.39
N VAL A 103 5.55 4.31 -10.81
CA VAL A 103 6.52 5.13 -11.58
C VAL A 103 7.83 4.39 -11.84
N TYR A 104 8.26 4.40 -13.10
CA TYR A 104 9.49 3.75 -13.50
C TYR A 104 10.66 4.40 -12.76
N GLY A 105 11.50 3.60 -12.12
CA GLY A 105 12.67 4.15 -11.42
C GLY A 105 12.40 4.66 -10.01
N ALA A 106 11.14 4.57 -9.53
CA ALA A 106 10.86 4.91 -8.15
C ALA A 106 11.41 3.81 -7.23
N THR A 107 11.87 4.21 -6.06
CA THR A 107 12.31 3.26 -5.03
C THR A 107 11.10 2.39 -4.64
N ILE A 108 11.25 1.06 -4.61
CA ILE A 108 10.10 0.21 -4.21
C ILE A 108 10.48 -0.40 -2.87
N PHE A 109 9.74 0.02 -1.86
CA PHE A 109 9.95 -0.48 -0.48
C PHE A 109 9.24 -1.82 -0.25
N PRO A 110 9.63 -2.53 0.83
CA PRO A 110 8.92 -3.78 1.15
C PRO A 110 7.46 -3.51 1.34
N HIS A 111 6.59 -4.45 0.93
CA HIS A 111 5.15 -4.29 1.27
C HIS A 111 4.87 -4.38 2.79
N ASN A 112 3.65 -3.98 3.17
CA ASN A 112 3.27 -3.77 4.57
C ASN A 112 3.52 -4.96 5.47
N VAL A 113 3.24 -6.17 4.99
CA VAL A 113 3.41 -7.33 5.91
C VAL A 113 4.88 -7.43 6.39
N GLY A 114 5.82 -7.20 5.47
CA GLY A 114 7.26 -7.21 5.82
C GLY A 114 7.60 -6.06 6.75
N LEU A 115 7.00 -4.89 6.52
CA LEU A 115 7.22 -3.77 7.46
C LEU A 115 6.71 -4.12 8.87
N GLY A 116 5.59 -4.83 8.95
CA GLY A 116 5.09 -5.29 10.27
C GLY A 116 6.13 -6.18 10.95
N ALA A 117 6.82 -7.00 10.16
CA ALA A 117 7.90 -7.91 10.70
C ALA A 117 9.02 -7.15 11.38
N THR A 118 9.25 -5.89 10.95
CA THR A 118 10.33 -5.09 11.49
C THR A 118 10.05 -4.59 12.91
N ARG A 119 8.78 -4.53 13.31
CA ARG A 119 8.40 -3.87 14.58
C ARG A 119 9.12 -2.50 14.78
N ASP A 120 9.30 -1.73 13.68
CA ASP A 120 10.08 -0.51 13.77
C ASP A 120 9.28 0.66 13.20
N PRO A 121 8.39 1.27 14.04
CA PRO A 121 7.59 2.41 13.55
C PRO A 121 8.39 3.58 13.01
N TYR A 122 9.58 3.84 13.56
CA TYR A 122 10.39 4.99 13.09
C TYR A 122 10.91 4.72 11.69
N LEU A 123 11.28 3.46 11.41
CA LEU A 123 11.64 3.04 10.07
C LEU A 123 10.48 3.34 9.09
N VAL A 124 9.26 2.96 9.47
CA VAL A 124 8.08 3.17 8.64
C VAL A 124 7.84 4.69 8.46
N LYS A 125 8.06 5.48 9.51
CA LYS A 125 7.88 6.95 9.39
C LYS A 125 8.85 7.45 8.30
N ARG A 126 10.11 6.99 8.36
CA ARG A 126 11.14 7.38 7.40
C ARG A 126 10.78 6.97 5.97
N ILE A 127 10.15 5.79 5.84
CA ILE A 127 9.67 5.35 4.56
C ILE A 127 8.55 6.31 4.09
N GLY A 128 7.63 6.70 4.97
CA GLY A 128 6.59 7.72 4.62
C GLY A 128 7.26 9.01 4.13
N GLU A 129 8.31 9.43 4.83
CA GLU A 129 9.05 10.66 4.41
C GLU A 129 9.63 10.54 3.01
N ALA A 130 10.31 9.41 2.74
CA ALA A 130 10.94 9.22 1.43
C ALA A 130 9.87 9.10 0.35
N THR A 131 8.78 8.38 0.67
CA THR A 131 7.67 8.19 -0.27
C THR A 131 7.04 9.56 -0.65
N ALA A 132 6.78 10.41 0.34
CA ALA A 132 6.24 11.79 0.07
C ALA A 132 7.11 12.52 -0.98
N LEU A 133 8.42 12.43 -0.79
CA LEU A 133 9.39 13.10 -1.70
C LEU A 133 9.36 12.52 -3.13
N GLU A 134 9.30 11.19 -3.24
CA GLU A 134 9.19 10.58 -4.57
C GLU A 134 7.84 10.83 -5.26
N VAL A 135 6.79 10.93 -4.45
CA VAL A 135 5.46 11.28 -5.00
C VAL A 135 5.50 12.74 -5.49
N ARG A 136 5.99 13.65 -4.65
CA ARG A 136 6.12 15.08 -5.07
C ARG A 136 7.09 15.24 -6.25
N ALA A 137 8.05 14.33 -6.37
CA ALA A 137 8.95 14.31 -7.53
C ALA A 137 8.17 14.24 -8.87
N THR A 138 7.00 13.58 -8.85
CA THR A 138 6.19 13.35 -10.03
C THR A 138 5.02 14.36 -10.07
N GLY A 139 5.04 15.35 -9.19
CA GLY A 139 4.02 16.42 -9.14
C GLY A 139 2.71 16.06 -8.45
N ILE A 140 2.65 14.85 -7.90
CA ILE A 140 1.42 14.34 -7.28
C ILE A 140 1.39 14.71 -5.79
N GLN A 141 0.20 15.06 -5.28
CA GLN A 141 0.07 15.69 -3.95
C GLN A 141 -0.63 14.79 -2.93
N TYR A 142 -1.01 13.57 -3.34
CA TYR A 142 -1.97 12.78 -2.55
C TYR A 142 -1.69 11.29 -2.77
N ALA A 143 -1.40 10.57 -1.68
CA ALA A 143 -1.12 9.12 -1.75
C ALA A 143 -2.24 8.35 -1.06
N PHE A 144 -2.72 7.29 -1.70
CA PHE A 144 -3.78 6.45 -1.11
C PHE A 144 -3.11 5.43 -0.15
N ALA A 145 -2.62 5.94 0.96
CA ALA A 145 -1.91 5.11 1.97
C ALA A 145 -1.89 5.87 3.31
N PRO A 146 -1.83 5.15 4.44
CA PRO A 146 -1.63 3.69 4.59
C PRO A 146 -2.90 2.83 4.54
N CYS A 147 -2.74 1.62 4.01
CA CYS A 147 -3.72 0.57 4.26
C CYS A 147 -3.55 0.13 5.73
N ILE A 148 -4.56 0.37 6.55
CA ILE A 148 -4.53 -0.03 7.97
C ILE A 148 -5.52 -1.17 8.20
N ALA A 149 -5.77 -1.97 7.17
CA ALA A 149 -6.55 -3.22 7.37
C ALA A 149 -5.78 -4.10 8.37
N VAL A 150 -6.55 -4.83 9.19
CA VAL A 150 -5.97 -5.84 10.10
C VAL A 150 -6.42 -7.17 9.49
N CYS A 151 -5.51 -7.79 8.74
CA CYS A 151 -5.90 -8.99 7.98
C CYS A 151 -6.01 -10.15 8.95
N ARG A 152 -7.21 -10.72 9.02
CA ARG A 152 -7.54 -11.82 9.99
C ARG A 152 -7.58 -13.22 9.33
N ASP A 153 -7.27 -13.27 8.03
CA ASP A 153 -7.28 -14.51 7.26
C ASP A 153 -6.37 -14.32 6.03
N PRO A 154 -5.23 -15.06 5.98
CA PRO A 154 -4.25 -14.86 4.88
C PRO A 154 -4.71 -15.33 3.52
N ARG A 155 -5.86 -15.98 3.43
CA ARG A 155 -6.44 -16.31 2.13
C ARG A 155 -6.85 -15.02 1.34
N TRP A 156 -6.94 -13.89 2.05
CA TRP A 156 -7.21 -12.60 1.41
C TRP A 156 -6.09 -12.16 0.46
N GLY A 157 -6.46 -11.78 -0.77
CA GLY A 157 -5.52 -11.26 -1.75
C GLY A 157 -4.76 -10.01 -1.32
N ARG A 158 -5.25 -9.29 -0.30
CA ARG A 158 -4.60 -8.04 0.16
C ARG A 158 -3.90 -8.26 1.49
N CYS A 159 -3.67 -9.53 1.85
CA CYS A 159 -3.04 -9.73 3.14
C CYS A 159 -1.67 -9.01 3.22
N TYR A 160 -0.95 -8.96 2.10
CA TYR A 160 0.39 -8.30 2.13
C TYR A 160 0.33 -6.78 2.36
N GLU A 161 -0.85 -6.22 2.11
CA GLU A 161 -1.11 -4.78 2.39
C GLU A 161 -1.40 -4.44 3.84
N SER A 162 -1.51 -5.48 4.70
CA SER A 162 -1.81 -5.26 6.11
C SER A 162 -0.52 -5.52 6.88
N TYR A 163 -0.16 -4.62 7.79
CA TYR A 163 1.06 -4.75 8.59
C TYR A 163 1.00 -6.00 9.50
N SER A 164 -0.21 -6.42 9.87
CA SER A 164 -0.33 -7.53 10.88
C SER A 164 -1.75 -7.99 11.09
N GLU A 165 -1.88 -9.21 11.63
CA GLU A 165 -3.17 -9.70 12.14
C GLU A 165 -3.47 -9.10 13.52
N ASP A 166 -2.45 -8.50 14.15
CA ASP A 166 -2.53 -7.88 15.47
C ASP A 166 -2.70 -6.38 15.31
N ARG A 167 -3.90 -5.91 15.65
CA ARG A 167 -4.19 -4.46 15.65
C ARG A 167 -3.15 -3.57 16.35
N ARG A 168 -2.50 -4.05 17.43
CA ARG A 168 -1.49 -3.24 18.08
C ARG A 168 -0.32 -2.92 17.15
N ILE A 169 0.02 -3.88 16.27
CA ILE A 169 1.17 -3.68 15.39
C ILE A 169 0.70 -2.66 14.31
N VAL A 170 -0.51 -2.87 13.82
CA VAL A 170 -1.07 -1.91 12.79
C VAL A 170 -1.11 -0.49 13.39
N GLN A 171 -1.63 -0.37 14.61
CA GLN A 171 -1.62 0.91 15.32
C GLN A 171 -0.24 1.56 15.36
N SER A 172 0.82 0.80 15.70
CA SER A 172 2.14 1.42 15.81
C SER A 172 2.63 1.93 14.45
N MET A 173 2.23 1.25 13.38
CA MET A 173 2.70 1.55 12.00
C MET A 173 1.95 2.71 11.37
N THR A 174 0.96 3.24 12.08
CA THR A 174 0.30 4.49 11.60
C THR A 174 1.26 5.69 11.57
N GLU A 175 2.49 5.50 12.08
CA GLU A 175 3.59 6.46 11.91
C GLU A 175 3.88 6.78 10.42
N LEU A 176 3.42 5.93 9.51
CA LEU A 176 3.54 6.23 8.07
C LEU A 176 2.94 7.60 7.83
N ILE A 177 1.85 7.89 8.56
CA ILE A 177 1.01 9.09 8.26
C ILE A 177 1.80 10.39 8.45
N PRO A 178 2.38 10.63 9.65
CA PRO A 178 3.24 11.82 9.79
C PRO A 178 4.50 11.76 8.94
N GLY A 179 4.92 10.57 8.49
CA GLY A 179 6.02 10.54 7.51
C GLY A 179 5.57 11.18 6.19
N LEU A 180 4.40 10.74 5.69
CA LEU A 180 3.85 11.22 4.41
C LEU A 180 3.50 12.70 4.50
N GLN A 181 2.82 13.07 5.59
CA GLN A 181 2.18 14.43 5.72
C GLN A 181 2.97 15.46 6.51
N GLY A 182 3.98 15.00 7.29
CA GLY A 182 4.61 15.85 8.31
C GLY A 182 3.97 15.70 9.70
N ASP A 183 4.76 15.97 10.74
CA ASP A 183 4.27 15.86 12.11
C ASP A 183 3.26 16.96 12.39
N VAL A 184 2.17 16.64 13.07
CA VAL A 184 1.18 17.64 13.49
C VAL A 184 1.76 18.54 14.60
N PRO A 185 1.28 19.80 14.68
CA PRO A 185 1.69 20.73 15.75
C PRO A 185 1.38 20.20 17.15
N LYS A 186 2.16 20.65 18.16
CA LYS A 186 1.77 20.40 19.55
C LYS A 186 0.46 21.15 19.72
N ASP A 187 -0.52 20.51 20.36
CA ASP A 187 -1.86 21.11 20.56
C ASP A 187 -2.90 20.63 19.56
N PHE A 188 -2.44 19.90 18.53
CA PHE A 188 -3.30 19.52 17.41
C PHE A 188 -4.60 18.88 17.86
N THR A 189 -5.71 19.22 17.21
CA THR A 189 -7.00 18.59 17.53
C THR A 189 -7.19 17.27 16.76
N SER A 190 -7.27 16.16 17.48
CA SER A 190 -7.50 14.87 16.85
C SER A 190 -8.65 14.91 15.83
N GLY A 191 -8.39 14.41 14.61
CA GLY A 191 -9.41 14.33 13.57
C GLY A 191 -9.35 15.48 12.56
N MET A 192 -8.65 16.56 12.89
CA MET A 192 -8.35 17.60 11.87
C MET A 192 -7.35 17.08 10.80
N PRO A 193 -7.53 17.50 9.53
CA PRO A 193 -6.56 17.11 8.50
C PRO A 193 -5.29 17.92 8.63
N PHE A 194 -4.17 17.36 8.20
CA PHE A 194 -2.88 18.07 8.25
C PHE A 194 -1.96 17.64 7.11
N VAL A 195 -1.31 18.60 6.42
CA VAL A 195 -0.18 18.33 5.54
C VAL A 195 0.72 19.55 5.72
N ALA A 196 2.02 19.31 5.85
CA ALA A 196 2.94 20.37 6.26
C ALA A 196 3.18 21.43 5.17
N GLY A 197 3.04 21.05 3.91
CA GLY A 197 3.38 21.95 2.79
C GLY A 197 3.74 21.18 1.54
N LYS A 198 4.39 21.87 0.61
CA LYS A 198 4.56 21.40 -0.75
C LYS A 198 5.51 20.23 -0.92
N ASN A 199 6.28 19.93 0.12
CA ASN A 199 7.22 18.79 0.09
C ASN A 199 6.63 17.50 0.77
N LYS A 200 5.39 17.62 1.19
CA LYS A 200 4.62 16.48 1.78
C LYS A 200 3.37 16.20 0.94
N VAL A 201 2.68 15.10 1.25
CA VAL A 201 1.49 14.73 0.49
C VAL A 201 0.35 14.45 1.48
N ALA A 202 -0.88 14.61 1.01
CA ALA A 202 -2.07 14.12 1.72
C ALA A 202 -2.04 12.58 1.78
N ALA A 203 -2.36 12.06 2.97
CA ALA A 203 -2.46 10.61 3.20
C ALA A 203 -3.93 10.17 3.24
N CYS A 204 -4.12 8.85 3.30
CA CYS A 204 -5.44 8.27 3.21
C CYS A 204 -5.46 7.00 4.05
N ALA A 205 -6.13 7.02 5.20
CA ALA A 205 -6.31 5.77 5.98
C ALA A 205 -7.40 4.93 5.31
N LYS A 206 -7.08 3.67 4.95
CA LYS A 206 -7.99 2.85 4.19
C LYS A 206 -7.91 1.39 4.65
N HIS A 207 -8.94 0.58 4.40
CA HIS A 207 -10.23 0.95 3.82
C HIS A 207 -11.27 0.81 4.95
N PHE A 208 -11.97 1.89 5.24
CA PHE A 208 -12.88 1.96 6.39
C PHE A 208 -14.15 1.14 6.13
N VAL A 209 -14.47 0.11 6.94
CA VAL A 209 -13.63 -0.42 8.05
C VAL A 209 -13.94 -1.93 8.05
N GLY A 210 -12.99 -2.72 8.56
CA GLY A 210 -13.14 -4.19 8.59
C GLY A 210 -12.85 -4.89 7.28
N ASP A 211 -12.10 -4.21 6.39
CA ASP A 211 -11.70 -4.79 5.12
C ASP A 211 -10.88 -6.11 5.29
N GLY A 212 -10.17 -6.22 6.41
CA GLY A 212 -9.31 -7.39 6.75
C GLY A 212 -10.10 -8.49 7.47
N GLY A 213 -11.41 -8.31 7.63
CA GLY A 213 -12.22 -9.25 8.47
C GLY A 213 -13.21 -10.06 7.68
N THR A 214 -13.05 -10.15 6.36
CA THR A 214 -14.11 -10.73 5.54
C THR A 214 -14.11 -12.26 5.65
N VAL A 215 -15.29 -12.84 5.41
CA VAL A 215 -15.47 -14.32 5.46
C VAL A 215 -14.47 -14.99 4.55
N ASP A 216 -13.61 -15.86 5.13
CA ASP A 216 -12.68 -16.70 4.38
C ASP A 216 -11.66 -15.85 3.61
N GLY A 217 -11.45 -14.61 4.07
CA GLY A 217 -10.59 -13.65 3.33
C GLY A 217 -11.04 -13.34 1.89
N ILE A 218 -12.33 -13.51 1.59
CA ILE A 218 -12.87 -13.22 0.26
C ILE A 218 -12.89 -11.69 0.11
N ASN A 219 -12.12 -11.22 -0.88
CA ASN A 219 -11.95 -9.78 -1.05
C ASN A 219 -13.30 -9.09 -1.34
N GLU A 220 -13.54 -7.94 -0.70
CA GLU A 220 -14.75 -7.13 -0.93
C GLU A 220 -16.02 -7.74 -0.33
N ASN A 221 -15.84 -8.79 0.46
CA ASN A 221 -16.99 -9.58 0.94
C ASN A 221 -17.58 -9.06 2.28
N ASN A 222 -18.18 -9.97 3.06
CA ASN A 222 -18.89 -9.58 4.26
C ASN A 222 -18.02 -9.85 5.46
N THR A 223 -17.91 -8.87 6.34
CA THR A 223 -17.21 -9.01 7.63
C THR A 223 -18.29 -9.25 8.67
N ILE A 224 -18.35 -10.49 9.16
CA ILE A 224 -19.41 -10.85 10.12
C ILE A 224 -18.80 -10.91 11.52
N ILE A 225 -19.11 -9.91 12.32
CA ILE A 225 -18.52 -9.69 13.65
C ILE A 225 -19.38 -8.69 14.40
N ASN A 226 -19.53 -8.89 15.71
CA ASN A 226 -20.33 -7.95 16.51
C ASN A 226 -19.64 -6.59 16.65
N ARG A 227 -20.38 -5.58 17.09
CA ARG A 227 -19.79 -4.24 17.27
C ARG A 227 -18.55 -4.25 18.16
N GLU A 228 -18.60 -5.01 19.25
CA GLU A 228 -17.45 -5.09 20.15
C GLU A 228 -16.20 -5.57 19.41
N GLY A 229 -16.37 -6.59 18.55
CA GLY A 229 -15.23 -7.17 17.79
C GLY A 229 -14.75 -6.17 16.73
N LEU A 230 -15.69 -5.57 16.01
CA LEU A 230 -15.29 -4.51 15.05
C LEU A 230 -14.46 -3.42 15.74
N MET A 231 -14.93 -2.95 16.89
CA MET A 231 -14.27 -1.87 17.59
C MET A 231 -12.95 -2.29 18.23
N ASN A 232 -12.82 -3.57 18.58
CA ASN A 232 -11.63 -4.06 19.25
C ASN A 232 -10.47 -4.41 18.30
N ILE A 233 -10.81 -4.81 17.07
CA ILE A 233 -9.85 -5.35 16.11
C ILE A 233 -9.65 -4.36 14.96
N HIS A 234 -10.75 -3.98 14.35
CA HIS A 234 -10.68 -3.32 13.01
C HIS A 234 -10.64 -1.80 13.05
N MET A 235 -11.20 -1.24 14.12
CA MET A 235 -11.34 0.21 14.32
C MET A 235 -10.16 0.93 14.96
N PRO A 236 -9.47 0.32 15.96
CA PRO A 236 -8.48 1.12 16.73
C PRO A 236 -7.46 1.98 15.96
N ALA A 237 -6.86 1.42 14.91
CA ALA A 237 -5.86 2.17 14.13
C ALA A 237 -6.46 3.45 13.48
N TYR A 238 -7.76 3.44 13.18
CA TYR A 238 -8.41 4.72 12.70
C TYR A 238 -8.31 5.85 13.72
N LYS A 239 -8.42 5.52 15.01
CA LYS A 239 -8.30 6.55 16.02
C LYS A 239 -6.87 7.07 16.11
N ASN A 240 -5.86 6.20 15.97
CA ASN A 240 -4.47 6.68 15.87
C ASN A 240 -4.30 7.57 14.64
N ALA A 241 -4.94 7.17 13.54
CA ALA A 241 -4.90 7.97 12.29
C ALA A 241 -5.48 9.38 12.57
N MET A 242 -6.63 9.47 13.26
CA MET A 242 -7.23 10.79 13.62
C MET A 242 -6.24 11.60 14.46
N ASP A 243 -5.57 10.96 15.42
CA ASP A 243 -4.63 11.68 16.29
C ASP A 243 -3.43 12.24 15.54
N LYS A 244 -3.10 11.59 14.44
CA LYS A 244 -1.96 11.98 13.60
C LYS A 244 -2.34 12.89 12.41
N GLY A 245 -3.62 13.28 12.34
CA GLY A 245 -4.13 14.26 11.35
C GLY A 245 -4.24 13.69 9.94
N VAL A 246 -4.59 12.41 9.80
CA VAL A 246 -4.76 11.88 8.45
C VAL A 246 -5.78 12.77 7.65
N SER A 247 -5.41 13.11 6.43
CA SER A 247 -6.22 14.07 5.64
C SER A 247 -7.50 13.49 5.07
N THR A 248 -7.44 12.22 4.68
CA THR A 248 -8.58 11.59 4.04
C THR A 248 -8.77 10.17 4.58
N VAL A 249 -9.97 9.67 4.39
CA VAL A 249 -10.25 8.25 4.68
C VAL A 249 -10.98 7.67 3.47
N MET A 250 -10.55 6.49 3.00
CA MET A 250 -11.24 5.81 1.92
C MET A 250 -12.13 4.71 2.47
N ILE A 251 -13.31 4.63 1.91
CA ILE A 251 -14.30 3.59 2.32
C ILE A 251 -14.02 2.23 1.65
N SER A 252 -14.25 1.15 2.42
CA SER A 252 -14.05 -0.20 1.94
C SER A 252 -15.17 -0.73 1.01
N TYR A 253 -14.81 -1.59 0.03
CA TYR A 253 -15.81 -2.30 -0.75
C TYR A 253 -16.60 -3.27 0.14
N SER A 254 -15.99 -3.69 1.24
CA SER A 254 -16.57 -4.76 2.08
C SER A 254 -17.88 -4.32 2.75
N SER A 255 -18.58 -5.32 3.31
CA SER A 255 -19.78 -5.05 4.08
C SER A 255 -19.54 -5.40 5.55
N TRP A 256 -20.34 -4.83 6.43
CA TRP A 256 -20.27 -5.22 7.84
C TRP A 256 -21.63 -5.81 8.23
N ASN A 257 -21.66 -7.10 8.59
CA ASN A 257 -22.92 -7.78 8.88
C ASN A 257 -23.96 -7.51 7.79
N GLY A 258 -23.53 -7.57 6.53
CA GLY A 258 -24.39 -7.49 5.37
C GLY A 258 -24.71 -6.09 4.86
N VAL A 259 -24.25 -5.06 5.56
CA VAL A 259 -24.46 -3.66 5.12
C VAL A 259 -23.20 -3.16 4.40
N LYS A 260 -23.39 -2.68 3.18
CA LYS A 260 -22.26 -2.17 2.39
C LYS A 260 -21.62 -0.99 3.11
N MET A 261 -20.29 -0.99 3.23
CA MET A 261 -19.62 0.14 3.87
C MET A 261 -19.94 1.47 3.12
N HIS A 262 -20.01 1.41 1.79
CA HIS A 262 -20.28 2.62 0.96
C HIS A 262 -21.70 3.17 1.17
N ALA A 263 -22.56 2.42 1.89
CA ALA A 263 -23.95 2.84 2.16
C ALA A 263 -24.23 2.95 3.68
N ASN A 264 -23.20 2.81 4.49
CA ASN A 264 -23.34 2.79 5.94
C ASN A 264 -23.26 4.13 6.63
N GLN A 265 -24.41 4.80 6.75
CA GLN A 265 -24.47 6.10 7.38
C GLN A 265 -24.08 6.05 8.84
N ASP A 266 -24.49 4.98 9.54
CA ASP A 266 -24.13 4.86 10.96
C ASP A 266 -22.62 4.92 11.22
N LEU A 267 -21.84 4.19 10.41
CA LEU A 267 -20.40 4.14 10.62
C LEU A 267 -19.68 5.35 9.99
N VAL A 268 -20.11 5.75 8.79
CA VAL A 268 -19.36 6.83 8.07
C VAL A 268 -19.71 8.17 8.70
N THR A 269 -21.00 8.44 8.89
CA THR A 269 -21.36 9.70 9.54
C THR A 269 -21.42 9.60 11.07
N GLY A 270 -22.18 8.64 11.59
CA GLY A 270 -22.32 8.50 13.03
C GLY A 270 -21.02 8.26 13.75
N TYR A 271 -20.18 7.36 13.19
CA TYR A 271 -18.95 7.04 13.90
C TYR A 271 -17.74 7.88 13.47
N LEU A 272 -17.35 7.75 12.21
CA LEU A 272 -16.15 8.39 11.69
C LEU A 272 -16.24 9.90 11.84
N LYS A 273 -17.31 10.47 11.31
CA LYS A 273 -17.46 11.93 11.37
C LYS A 273 -17.89 12.46 12.75
N ASP A 274 -18.94 11.89 13.33
CA ASP A 274 -19.58 12.45 14.54
C ASP A 274 -18.98 11.99 15.89
N THR A 275 -18.32 10.83 15.90
CA THR A 275 -17.75 10.29 17.15
C THR A 275 -16.23 10.51 17.18
N LEU A 276 -15.56 10.11 16.10
CA LEU A 276 -14.11 10.34 15.96
C LEU A 276 -13.77 11.78 15.57
N LYS A 277 -14.79 12.56 15.19
CA LYS A 277 -14.63 13.98 14.88
C LYS A 277 -13.71 14.17 13.65
N PHE A 278 -13.77 13.21 12.73
CA PHE A 278 -12.98 13.33 11.50
C PHE A 278 -13.43 14.57 10.72
N LYS A 279 -12.49 15.49 10.44
CA LYS A 279 -12.81 16.72 9.68
C LYS A 279 -12.15 16.81 8.30
N GLY A 280 -11.41 15.76 7.89
CA GLY A 280 -10.91 15.71 6.51
C GLY A 280 -12.03 15.22 5.57
N PHE A 281 -11.66 14.71 4.40
CA PHE A 281 -12.68 14.19 3.50
C PHE A 281 -12.67 12.70 3.33
N VAL A 282 -13.88 12.18 3.12
CA VAL A 282 -14.10 10.75 2.96
C VAL A 282 -14.25 10.47 1.46
N ILE A 283 -13.43 9.56 0.94
CA ILE A 283 -13.45 9.24 -0.47
C ILE A 283 -13.94 7.78 -0.69
N SER A 284 -14.67 7.55 -1.78
CA SER A 284 -15.06 6.19 -2.15
C SER A 284 -13.85 5.42 -2.64
N ASP A 285 -13.99 4.10 -2.74
CA ASP A 285 -13.04 3.32 -3.49
C ASP A 285 -13.47 3.34 -4.98
N TRP A 286 -12.68 2.71 -5.83
CA TRP A 286 -12.84 2.76 -7.29
C TRP A 286 -14.12 2.05 -7.70
N GLU A 287 -15.09 2.82 -8.20
CA GLU A 287 -16.42 2.26 -8.52
C GLU A 287 -17.08 1.66 -7.26
N GLY A 288 -16.67 2.15 -6.10
CA GLY A 288 -17.19 1.65 -4.80
C GLY A 288 -18.68 1.86 -4.68
N ILE A 289 -19.19 3.02 -5.09
CA ILE A 289 -20.64 3.20 -5.01
C ILE A 289 -21.41 2.27 -5.99
N ASP A 290 -20.84 1.96 -7.17
CA ASP A 290 -21.46 1.09 -8.17
C ASP A 290 -21.66 -0.31 -7.57
N ARG A 291 -20.70 -0.70 -6.73
CA ARG A 291 -20.71 -2.04 -6.16
C ARG A 291 -21.61 -2.21 -4.92
N ILE A 292 -22.31 -1.15 -4.51
CA ILE A 292 -23.35 -1.24 -3.45
C ILE A 292 -24.46 -2.18 -3.93
N THR A 293 -24.74 -2.19 -5.22
CA THR A 293 -25.86 -2.97 -5.78
C THR A 293 -25.33 -4.27 -6.37
N THR A 294 -26.24 -5.24 -6.56
CA THR A 294 -25.91 -6.48 -7.26
C THR A 294 -26.94 -6.68 -8.38
N PRO A 295 -26.51 -6.73 -9.66
CA PRO A 295 -25.14 -6.58 -10.13
C PRO A 295 -24.61 -5.16 -9.89
N ALA A 296 -23.28 -5.01 -9.86
CA ALA A 296 -22.70 -3.67 -9.64
C ALA A 296 -23.18 -2.76 -10.77
N GLY A 297 -23.47 -1.50 -10.44
CA GLY A 297 -23.87 -0.50 -11.45
C GLY A 297 -25.28 -0.64 -12.00
N SER A 298 -26.09 -1.56 -11.45
CA SER A 298 -27.45 -1.81 -11.97
C SER A 298 -28.47 -0.75 -11.51
N ASP A 299 -28.12 0.05 -10.50
CA ASP A 299 -28.98 1.15 -10.10
C ASP A 299 -28.10 2.31 -9.64
N TYR A 300 -27.51 3.01 -10.61
CA TYR A 300 -26.53 4.01 -10.26
C TYR A 300 -27.17 5.20 -9.55
N SER A 301 -28.41 5.49 -9.89
CA SER A 301 -29.14 6.52 -9.17
C SER A 301 -29.21 6.18 -7.68
N TYR A 302 -29.56 4.93 -7.34
CA TYR A 302 -29.53 4.51 -5.94
C TYR A 302 -28.10 4.59 -5.33
N SER A 303 -27.10 4.14 -6.09
CA SER A 303 -25.68 4.20 -5.66
C SER A 303 -25.27 5.60 -5.21
N VAL A 304 -25.64 6.60 -6.02
CA VAL A 304 -25.31 8.00 -5.68
C VAL A 304 -26.06 8.46 -4.42
N LYS A 305 -27.37 8.19 -4.37
CA LYS A 305 -28.17 8.58 -3.22
C LYS A 305 -27.63 7.95 -1.91
N ALA A 306 -27.46 6.62 -1.94
CA ALA A 306 -27.06 5.87 -0.75
C ALA A 306 -25.71 6.32 -0.24
N SER A 307 -24.74 6.51 -1.16
CA SER A 307 -23.36 6.82 -0.74
C SER A 307 -23.25 8.28 -0.24
N ILE A 308 -23.87 9.20 -0.97
CA ILE A 308 -23.81 10.62 -0.56
C ILE A 308 -24.58 10.83 0.77
N LEU A 309 -25.75 10.22 0.91
CA LEU A 309 -26.46 10.28 2.18
C LEU A 309 -25.72 9.57 3.35
N ALA A 310 -24.93 8.54 3.04
CA ALA A 310 -24.14 7.87 4.05
C ALA A 310 -23.06 8.78 4.62
N GLY A 311 -22.65 9.79 3.83
CA GLY A 311 -21.64 10.72 4.30
C GLY A 311 -20.37 10.80 3.45
N LEU A 312 -20.29 10.07 2.33
CA LEU A 312 -19.09 10.15 1.49
C LEU A 312 -19.00 11.57 0.91
N ASP A 313 -17.77 12.06 0.76
CA ASP A 313 -17.54 13.45 0.28
C ASP A 313 -17.03 13.54 -1.14
N MET A 314 -16.09 12.65 -1.50
CA MET A 314 -15.54 12.61 -2.85
C MET A 314 -15.74 11.23 -3.44
N ILE A 315 -16.21 11.18 -4.69
CA ILE A 315 -16.45 9.92 -5.38
C ILE A 315 -15.35 9.66 -6.39
N MET A 316 -14.66 8.57 -6.18
CA MET A 316 -13.74 8.04 -7.16
C MET A 316 -14.56 7.34 -8.26
N VAL A 317 -14.97 8.10 -9.28
CA VAL A 317 -15.98 7.61 -10.21
C VAL A 317 -15.64 6.24 -10.89
N PRO A 318 -14.49 6.10 -11.56
CA PRO A 318 -13.55 7.16 -11.96
C PRO A 318 -13.73 7.58 -13.44
N ASN A 319 -14.62 6.91 -14.16
CA ASN A 319 -14.70 7.08 -15.62
C ASN A 319 -15.96 7.83 -16.06
N LYS A 320 -17.12 7.40 -15.58
CA LYS A 320 -18.41 7.91 -16.09
C LYS A 320 -18.82 9.13 -15.29
N TYR A 321 -17.99 10.19 -15.35
CA TYR A 321 -18.24 11.39 -14.57
C TYR A 321 -19.53 12.08 -15.04
N GLN A 322 -19.87 11.98 -16.33
CA GLN A 322 -21.07 12.68 -16.81
C GLN A 322 -22.32 12.14 -16.10
N GLN A 323 -22.42 10.81 -16.00
CA GLN A 323 -23.55 10.16 -15.35
C GLN A 323 -23.59 10.50 -13.86
N PHE A 324 -22.43 10.42 -13.20
CA PHE A 324 -22.33 10.82 -11.79
C PHE A 324 -22.81 12.25 -11.54
N ILE A 325 -22.21 13.19 -12.26
CA ILE A 325 -22.60 14.58 -12.07
C ILE A 325 -24.07 14.84 -12.40
N SER A 326 -24.57 14.21 -13.45
CA SER A 326 -25.95 14.44 -13.84
C SER A 326 -26.91 13.87 -12.76
N ILE A 327 -26.61 12.68 -12.27
CA ILE A 327 -27.48 12.04 -11.27
C ILE A 327 -27.47 12.82 -9.96
N LEU A 328 -26.28 13.24 -9.52
CA LEU A 328 -26.17 13.92 -8.23
C LEU A 328 -26.89 15.28 -8.36
N THR A 329 -26.71 15.95 -9.50
CA THR A 329 -27.39 17.23 -9.72
C THR A 329 -28.91 17.05 -9.62
N GLY A 330 -29.44 16.01 -10.27
CA GLY A 330 -30.89 15.71 -10.26
C GLY A 330 -31.36 15.42 -8.84
N HIS A 331 -30.59 14.65 -8.05
CA HIS A 331 -30.97 14.40 -6.65
C HIS A 331 -31.06 15.69 -5.83
N VAL A 332 -30.12 16.61 -6.03
CA VAL A 332 -30.14 17.85 -5.27
C VAL A 332 -31.32 18.74 -5.72
N ASN A 333 -31.51 18.86 -7.03
CA ASN A 333 -32.64 19.65 -7.59
C ASN A 333 -34.01 19.11 -7.12
N GLY A 334 -34.07 17.80 -6.91
CA GLY A 334 -35.29 17.14 -6.43
C GLY A 334 -35.47 17.11 -4.91
N GLY A 335 -34.51 17.63 -4.16
CA GLY A 335 -34.63 17.69 -2.70
C GLY A 335 -34.31 16.38 -2.01
N VAL A 336 -33.88 15.38 -2.78
CA VAL A 336 -33.54 14.05 -2.22
C VAL A 336 -32.23 14.06 -1.45
N ILE A 337 -31.27 14.85 -1.93
CA ILE A 337 -30.05 15.11 -1.17
C ILE A 337 -30.05 16.60 -0.82
N PRO A 338 -29.98 16.94 0.48
CA PRO A 338 -30.07 18.37 0.85
C PRO A 338 -28.77 19.12 0.53
N MET A 339 -28.89 20.44 0.33
CA MET A 339 -27.71 21.24 0.12
C MET A 339 -26.73 21.17 1.30
N SER A 340 -27.22 20.99 2.52
CA SER A 340 -26.34 20.85 3.70
C SER A 340 -25.33 19.71 3.49
N ARG A 341 -25.76 18.66 2.79
CA ARG A 341 -24.92 17.47 2.60
C ARG A 341 -23.83 17.78 1.60
N ILE A 342 -24.24 18.39 0.48
CA ILE A 342 -23.29 18.90 -0.51
C ILE A 342 -22.30 19.89 0.12
N ASP A 343 -22.82 20.88 0.88
CA ASP A 343 -21.96 21.89 1.53
C ASP A 343 -20.96 21.26 2.50
N ASP A 344 -21.40 20.20 3.19
CA ASP A 344 -20.48 19.49 4.09
C ASP A 344 -19.37 18.79 3.31
N ALA A 345 -19.71 18.07 2.24
CA ALA A 345 -18.70 17.40 1.39
C ALA A 345 -17.68 18.40 0.86
N VAL A 346 -18.19 19.51 0.33
CA VAL A 346 -17.30 20.51 -0.26
C VAL A 346 -16.46 21.21 0.80
N THR A 347 -17.03 21.49 1.97
CA THR A 347 -16.29 22.12 3.07
C THR A 347 -15.05 21.24 3.41
N ARG A 348 -15.27 19.93 3.53
CA ARG A 348 -14.19 18.99 3.85
C ARG A 348 -13.09 18.90 2.76
N ILE A 349 -13.51 18.88 1.49
CA ILE A 349 -12.58 18.80 0.37
C ILE A 349 -11.74 20.10 0.36
N LEU A 350 -12.42 21.26 0.40
CA LEU A 350 -11.70 22.55 0.48
C LEU A 350 -10.82 22.65 1.72
N ARG A 351 -11.32 22.18 2.85
CA ARG A 351 -10.46 22.20 4.06
C ARG A 351 -9.13 21.47 3.80
N VAL A 352 -9.15 20.29 3.18
CA VAL A 352 -7.91 19.57 2.96
C VAL A 352 -7.04 20.33 1.98
N LYS A 353 -7.66 20.87 0.92
CA LYS A 353 -6.91 21.59 -0.11
C LYS A 353 -6.23 22.85 0.44
N PHE A 354 -6.98 23.64 1.24
CA PHE A 354 -6.38 24.88 1.81
C PHE A 354 -5.29 24.52 2.81
N THR A 355 -5.58 23.53 3.66
CA THR A 355 -4.67 23.16 4.76
C THR A 355 -3.30 22.73 4.23
N MET A 356 -3.31 21.96 3.14
CA MET A 356 -2.08 21.39 2.59
C MET A 356 -1.33 22.39 1.74
N GLY A 357 -1.89 23.60 1.53
CA GLY A 357 -1.14 24.60 0.74
C GLY A 357 -1.40 24.53 -0.77
N LEU A 358 -2.42 23.77 -1.20
CA LEU A 358 -2.62 23.53 -2.62
C LEU A 358 -2.93 24.84 -3.38
N PHE A 359 -3.61 25.77 -2.73
CA PHE A 359 -3.96 27.04 -3.39
C PHE A 359 -2.68 27.90 -3.56
N GLU A 360 -1.68 27.66 -2.73
CA GLU A 360 -0.41 28.44 -2.78
C GLU A 360 0.60 27.81 -3.71
N ASN A 361 0.62 26.47 -3.76
CA ASN A 361 1.47 25.73 -4.65
C ASN A 361 0.71 24.65 -5.46
N PRO A 362 -0.14 25.08 -6.41
CA PRO A 362 -0.89 24.15 -7.24
C PRO A 362 -0.06 23.41 -8.28
N TYR A 363 1.15 23.90 -8.56
CA TYR A 363 1.98 23.33 -9.62
C TYR A 363 3.20 22.57 -9.09
N ALA A 364 3.71 21.65 -9.91
CA ALA A 364 4.88 20.83 -9.51
C ALA A 364 6.17 21.65 -9.38
N ASP A 365 7.12 21.13 -8.60
CA ASP A 365 8.39 21.79 -8.41
C ASP A 365 9.45 21.00 -9.19
N PRO A 366 9.94 21.56 -10.30
CA PRO A 366 10.90 20.80 -11.12
C PRO A 366 12.17 20.37 -10.34
N ALA A 367 12.51 21.09 -9.27
CA ALA A 367 13.70 20.75 -8.48
C ALA A 367 13.52 19.48 -7.65
N MET A 368 12.28 19.01 -7.56
CA MET A 368 11.95 17.75 -6.83
C MET A 368 12.14 16.51 -7.69
N ALA A 369 12.25 16.68 -9.02
CA ALA A 369 12.29 15.53 -9.93
C ALA A 369 13.37 14.51 -9.53
N GLU A 370 14.51 15.01 -9.10
CA GLU A 370 15.64 14.15 -8.76
C GLU A 370 15.46 13.34 -7.47
N GLN A 371 14.36 13.59 -6.73
CA GLN A 371 14.02 12.79 -5.54
C GLN A 371 13.64 11.37 -5.96
N LEU A 372 13.19 11.21 -7.20
CA LEU A 372 12.69 9.90 -7.69
C LEU A 372 13.85 8.90 -7.75
N GLY A 373 13.69 7.79 -7.01
CA GLY A 373 14.72 6.76 -7.02
C GLY A 373 16.02 7.19 -6.38
N LYS A 374 16.00 8.25 -5.56
CA LYS A 374 17.24 8.79 -5.00
C LYS A 374 17.98 7.71 -4.18
N GLN A 375 19.30 7.64 -4.34
CA GLN A 375 20.11 6.60 -3.66
C GLN A 375 19.87 6.48 -2.14
N GLU A 376 19.73 7.61 -1.43
CA GLU A 376 19.44 7.61 0.00
C GLU A 376 18.15 6.85 0.31
N HIS A 377 17.17 6.98 -0.57
CA HIS A 377 15.87 6.31 -0.38
C HIS A 377 16.07 4.80 -0.61
N ARG A 378 16.86 4.47 -1.61
CA ARG A 378 17.18 3.04 -1.89
C ARG A 378 17.91 2.44 -0.70
N ASP A 379 18.83 3.19 -0.09
CA ASP A 379 19.54 2.71 1.12
C ASP A 379 18.55 2.44 2.23
N LEU A 380 17.54 3.31 2.35
CA LEU A 380 16.49 3.12 3.34
C LEU A 380 15.69 1.84 3.01
N ALA A 381 15.35 1.65 1.73
CA ALA A 381 14.53 0.47 1.32
C ALA A 381 15.35 -0.81 1.64
N ARG A 382 16.64 -0.75 1.39
CA ARG A 382 17.56 -1.86 1.67
C ARG A 382 17.61 -2.19 3.18
N GLU A 383 17.69 -1.16 4.03
CA GLU A 383 17.55 -1.33 5.49
C GLU A 383 16.20 -1.99 5.86
N ALA A 384 15.09 -1.48 5.30
CA ALA A 384 13.75 -2.03 5.58
C ALA A 384 13.65 -3.52 5.15
N ALA A 385 14.13 -3.82 3.94
CA ALA A 385 14.04 -5.22 3.42
C ALA A 385 14.81 -6.15 4.38
N ARG A 386 15.99 -5.71 4.79
CA ARG A 386 16.81 -6.55 5.68
C ARG A 386 16.10 -6.75 7.01
N LYS A 387 15.53 -5.67 7.55
CA LYS A 387 14.84 -5.76 8.83
C LYS A 387 13.55 -6.57 8.77
N SER A 388 12.97 -6.70 7.57
CA SER A 388 11.68 -7.40 7.43
C SER A 388 11.86 -8.91 7.42
N LEU A 389 13.08 -9.37 7.14
CA LEU A 389 13.30 -10.83 6.89
C LEU A 389 13.06 -11.57 8.20
N VAL A 390 12.37 -12.69 8.10
CA VAL A 390 12.17 -13.55 9.30
C VAL A 390 12.87 -14.90 9.09
N LEU A 391 13.83 -15.21 9.95
CA LEU A 391 14.58 -16.47 9.81
C LEU A 391 13.76 -17.56 10.51
N LEU A 392 13.30 -18.54 9.74
CA LEU A 392 12.39 -19.59 10.26
C LEU A 392 13.13 -20.86 10.69
N LYS A 393 14.32 -21.05 10.12
CA LYS A 393 15.16 -22.27 10.29
C LYS A 393 16.60 -21.91 9.97
N ASN A 394 17.54 -22.39 10.77
CA ASN A 394 18.96 -22.14 10.50
C ASN A 394 19.74 -23.37 10.99
N GLY A 395 19.59 -24.45 10.25
CA GLY A 395 20.14 -25.81 10.60
C GLY A 395 19.04 -26.86 10.67
N LYS A 396 19.30 -28.06 10.13
CA LYS A 396 18.34 -29.18 10.14
C LYS A 396 18.20 -29.87 11.50
N THR A 397 19.24 -29.82 12.31
CA THR A 397 19.15 -30.42 13.62
C THR A 397 19.73 -29.43 14.60
N SER A 398 19.36 -29.60 15.87
CA SER A 398 19.85 -28.75 16.94
C SER A 398 21.36 -28.82 17.01
N THR A 399 21.96 -29.83 16.39
CA THR A 399 23.40 -30.00 16.49
C THR A 399 24.22 -29.64 15.22
N ASP A 400 23.51 -29.28 14.16
CA ASP A 400 24.17 -28.81 12.93
C ASP A 400 24.84 -27.45 13.15
N ALA A 401 25.93 -27.23 12.43
CA ALA A 401 26.52 -25.88 12.34
C ALA A 401 25.43 -24.96 11.74
N PRO A 402 25.27 -23.75 12.28
CA PRO A 402 24.30 -22.81 11.64
C PRO A 402 24.76 -22.49 10.21
N LEU A 403 23.85 -22.51 9.24
CA LEU A 403 24.21 -22.25 7.84
C LEU A 403 24.46 -20.75 7.67
N LEU A 404 23.57 -19.97 8.27
CA LEU A 404 23.65 -18.50 8.12
C LEU A 404 24.30 -17.92 9.37
N PRO A 405 25.19 -16.93 9.21
CA PRO A 405 25.58 -16.32 7.89
C PRO A 405 26.53 -17.15 7.03
N LEU A 406 26.36 -16.99 5.72
CA LEU A 406 27.19 -17.63 4.73
C LEU A 406 28.51 -16.87 4.54
N PRO A 407 29.60 -17.59 4.17
CA PRO A 407 30.85 -16.91 3.88
C PRO A 407 30.81 -16.23 2.51
N LYS A 408 31.30 -14.99 2.46
CA LYS A 408 31.44 -14.33 1.15
C LYS A 408 32.51 -14.91 0.24
N LYS A 409 33.48 -15.62 0.83
CA LYS A 409 34.53 -16.24 0.03
C LYS A 409 34.37 -17.75 0.06
N ALA A 410 34.20 -18.31 -1.12
CA ALA A 410 34.06 -19.76 -1.33
C ALA A 410 34.40 -20.02 -2.79
N PRO A 411 34.90 -21.21 -3.13
CA PRO A 411 35.28 -21.43 -4.53
C PRO A 411 34.14 -21.23 -5.54
N LYS A 412 32.96 -21.77 -5.27
CA LYS A 412 31.89 -21.79 -6.25
C LYS A 412 30.60 -21.93 -5.47
N ILE A 413 29.62 -21.11 -5.85
CA ILE A 413 28.31 -21.13 -5.18
C ILE A 413 27.22 -21.15 -6.21
N LEU A 414 26.04 -21.62 -5.81
CA LEU A 414 24.91 -21.70 -6.72
C LEU A 414 23.78 -20.78 -6.26
N VAL A 415 23.22 -20.02 -7.20
CA VAL A 415 22.00 -19.26 -6.95
C VAL A 415 20.96 -19.81 -7.89
N ALA A 416 19.79 -20.14 -7.35
CA ALA A 416 18.80 -20.84 -8.12
C ALA A 416 17.39 -20.42 -7.77
N GLY A 417 16.43 -20.85 -8.58
CA GLY A 417 15.02 -20.64 -8.28
C GLY A 417 14.42 -19.53 -9.15
N SER A 418 13.12 -19.65 -9.35
CA SER A 418 12.32 -18.75 -10.17
C SER A 418 12.34 -17.31 -9.64
N HIS A 419 12.63 -17.12 -8.35
CA HIS A 419 12.60 -15.77 -7.73
C HIS A 419 14.00 -15.20 -7.49
N ALA A 420 15.03 -15.93 -7.90
CA ALA A 420 16.40 -15.46 -7.66
C ALA A 420 16.85 -14.28 -8.53
N ASP A 421 16.30 -14.21 -9.74
CA ASP A 421 16.68 -13.17 -10.70
C ASP A 421 15.44 -12.60 -11.37
N ASN A 422 14.50 -12.14 -10.57
CA ASN A 422 13.21 -11.65 -11.10
C ASN A 422 12.71 -10.48 -10.28
N LEU A 423 13.03 -9.27 -10.76
CA LEU A 423 12.74 -8.07 -9.99
C LEU A 423 11.23 -7.91 -9.72
N GLY A 424 10.42 -8.11 -10.77
CA GLY A 424 8.97 -8.06 -10.67
C GLY A 424 8.47 -8.98 -9.56
N TYR A 425 8.99 -10.21 -9.52
CA TYR A 425 8.52 -11.16 -8.48
C TYR A 425 8.88 -10.64 -7.09
N GLN A 426 10.05 -10.02 -6.94
CA GLN A 426 10.44 -9.65 -5.58
C GLN A 426 9.67 -8.41 -5.07
N CYS A 427 9.08 -7.66 -6.01
CA CYS A 427 8.30 -6.50 -5.64
C CYS A 427 6.81 -6.81 -5.37
N GLY A 428 6.30 -7.83 -6.06
CA GLY A 428 4.90 -8.24 -5.99
C GLY A 428 3.95 -7.20 -6.59
N GLY A 429 2.68 -7.29 -6.19
CA GLY A 429 1.62 -6.42 -6.76
C GLY A 429 1.86 -4.93 -6.51
N TRP A 430 1.06 -4.11 -7.19
CA TRP A 430 1.14 -2.64 -7.11
C TRP A 430 2.61 -2.25 -7.40
N THR A 431 3.17 -2.78 -8.49
CA THR A 431 4.51 -2.33 -8.90
C THR A 431 4.52 -2.21 -10.39
N ILE A 432 4.51 -0.96 -10.86
CA ILE A 432 4.50 -0.59 -12.30
C ILE A 432 3.14 -0.86 -12.94
N GLU A 433 2.67 -2.10 -12.85
CA GLU A 433 1.31 -2.45 -13.24
C GLU A 433 0.51 -2.67 -11.97
N TRP A 434 -0.80 -2.60 -12.11
CA TRP A 434 -1.71 -2.83 -10.98
C TRP A 434 -1.39 -4.18 -10.29
N GLN A 435 -1.33 -5.23 -11.11
CA GLN A 435 -1.13 -6.64 -10.63
C GLN A 435 0.36 -6.97 -10.44
N GLY A 436 1.24 -5.95 -10.56
CA GLY A 436 2.67 -6.23 -10.66
C GLY A 436 2.96 -6.97 -11.97
N ASP A 437 4.17 -7.50 -12.09
CA ASP A 437 4.56 -8.09 -13.37
C ASP A 437 5.81 -8.94 -13.15
N THR A 438 6.24 -9.59 -14.23
CA THR A 438 7.43 -10.43 -14.19
C THR A 438 8.65 -9.74 -14.85
N GLY A 439 9.82 -10.03 -14.32
CA GLY A 439 11.09 -9.60 -14.94
C GLY A 439 11.54 -8.19 -14.57
N ARG A 440 12.31 -7.54 -15.45
CA ARG A 440 12.99 -6.30 -15.07
C ARG A 440 12.08 -5.13 -15.44
N THR A 441 11.15 -4.82 -14.56
CA THR A 441 10.10 -3.82 -14.87
C THR A 441 10.50 -2.42 -14.41
N THR A 442 11.55 -2.32 -13.61
CA THR A 442 11.99 -1.04 -13.06
C THR A 442 13.47 -1.11 -12.68
N VAL A 443 13.99 -0.08 -12.02
CA VAL A 443 15.37 -0.06 -11.59
C VAL A 443 15.45 -0.73 -10.22
N GLY A 444 16.29 -1.76 -10.13
CA GLY A 444 16.46 -2.43 -8.84
C GLY A 444 17.60 -3.43 -8.90
N THR A 445 17.68 -4.24 -7.85
CA THR A 445 18.74 -5.25 -7.72
C THR A 445 18.05 -6.56 -7.33
N THR A 446 18.17 -7.56 -8.19
CA THR A 446 17.58 -8.89 -7.87
C THR A 446 18.46 -9.62 -6.83
N ILE A 447 17.99 -10.78 -6.36
CA ILE A 447 18.80 -11.52 -5.39
C ILE A 447 20.13 -12.00 -6.01
N LEU A 448 20.08 -12.46 -7.27
CA LEU A 448 21.27 -12.89 -7.98
C LEU A 448 22.27 -11.73 -8.09
N GLU A 449 21.77 -10.56 -8.50
CA GLU A 449 22.66 -9.39 -8.62
C GLU A 449 23.28 -8.98 -7.28
N ALA A 450 22.49 -9.08 -6.20
CA ALA A 450 22.92 -8.77 -4.85
C ALA A 450 24.02 -9.75 -4.41
N VAL A 451 23.83 -11.04 -4.71
CA VAL A 451 24.84 -12.04 -4.40
C VAL A 451 26.17 -11.68 -5.11
N LYS A 452 26.09 -11.37 -6.41
CA LYS A 452 27.28 -11.08 -7.19
C LYS A 452 27.96 -9.81 -6.67
N ALA A 453 27.16 -8.87 -6.15
CA ALA A 453 27.68 -7.61 -5.57
C ALA A 453 28.30 -7.79 -4.20
N ALA A 454 28.01 -8.94 -3.53
CA ALA A 454 28.37 -9.10 -2.13
C ALA A 454 29.62 -9.96 -1.97
N VAL A 455 29.76 -10.96 -2.83
CA VAL A 455 30.77 -12.00 -2.59
C VAL A 455 32.20 -11.53 -2.95
N ASP A 456 33.19 -12.20 -2.39
CA ASP A 456 34.59 -11.98 -2.73
C ASP A 456 34.80 -12.16 -4.24
N PRO A 457 35.76 -11.41 -4.83
CA PRO A 457 36.02 -11.58 -6.26
C PRO A 457 36.43 -13.00 -6.65
N SER A 458 37.02 -13.78 -5.73
CA SER A 458 37.41 -15.15 -6.09
C SER A 458 36.22 -16.13 -6.09
N THR A 459 35.07 -15.69 -5.57
CA THR A 459 33.88 -16.59 -5.53
C THR A 459 33.21 -16.68 -6.86
N VAL A 460 33.14 -17.88 -7.43
CA VAL A 460 32.46 -18.06 -8.70
C VAL A 460 30.96 -18.24 -8.39
N VAL A 461 30.14 -17.41 -9.03
CA VAL A 461 28.71 -17.48 -8.83
C VAL A 461 28.04 -18.10 -10.04
N VAL A 462 27.34 -19.21 -9.87
CA VAL A 462 26.62 -19.84 -10.97
C VAL A 462 25.12 -19.64 -10.76
N PHE A 463 24.43 -19.19 -11.79
CA PHE A 463 22.98 -19.11 -11.76
C PHE A 463 22.35 -20.23 -12.59
N ALA A 464 21.37 -20.93 -12.00
CA ALA A 464 20.54 -21.87 -12.76
C ALA A 464 19.11 -21.70 -12.27
N GLU A 465 18.16 -21.42 -13.15
CA GLU A 465 16.84 -21.09 -12.68
C GLU A 465 16.17 -22.32 -12.05
N ASN A 466 16.32 -23.47 -12.69
CA ASN A 466 15.68 -24.68 -12.20
C ASN A 466 16.57 -25.90 -12.46
N PRO A 467 17.69 -25.99 -11.71
CA PRO A 467 18.69 -27.03 -11.95
C PRO A 467 18.14 -28.39 -11.54
N ASP A 468 18.56 -29.44 -12.24
CA ASP A 468 18.21 -30.78 -11.73
C ASP A 468 19.17 -31.27 -10.64
N ALA A 469 18.84 -32.39 -10.01
CA ALA A 469 19.64 -32.87 -8.90
C ALA A 469 21.09 -33.20 -9.29
N GLU A 470 21.27 -33.78 -10.46
CA GLU A 470 22.59 -34.15 -10.94
C GLU A 470 23.46 -32.92 -11.16
N PHE A 471 22.89 -31.88 -11.78
CA PHE A 471 23.57 -30.58 -11.94
C PHE A 471 24.19 -30.10 -10.61
N VAL A 472 23.39 -30.13 -9.55
CA VAL A 472 23.83 -29.67 -8.26
C VAL A 472 24.91 -30.59 -7.68
N LYS A 473 24.65 -31.92 -7.73
CA LYS A 473 25.61 -32.88 -7.13
C LYS A 473 26.97 -32.82 -7.83
N SER A 474 26.96 -32.57 -9.14
CA SER A 474 28.20 -32.53 -9.95
C SER A 474 28.92 -31.18 -9.97
N GLY A 475 28.26 -30.16 -9.43
CA GLY A 475 28.71 -28.78 -9.64
C GLY A 475 29.86 -28.28 -8.81
N GLY A 476 30.27 -29.02 -7.78
CA GLY A 476 31.33 -28.55 -6.91
C GLY A 476 30.98 -27.27 -6.14
N PHE A 477 29.71 -27.16 -5.71
CA PHE A 477 29.24 -25.97 -4.95
C PHE A 477 29.53 -26.04 -3.44
N SER A 478 29.86 -24.88 -2.85
CA SER A 478 30.02 -24.80 -1.39
C SER A 478 28.67 -24.72 -0.67
N TYR A 479 27.73 -24.00 -1.28
CA TYR A 479 26.38 -23.84 -0.76
C TYR A 479 25.54 -23.27 -1.89
N ALA A 480 24.23 -23.27 -1.66
CA ALA A 480 23.31 -22.69 -2.62
C ALA A 480 22.37 -21.75 -1.92
N ILE A 481 21.94 -20.75 -2.69
CA ILE A 481 20.85 -19.88 -2.27
C ILE A 481 19.75 -20.07 -3.28
N VAL A 482 18.57 -20.47 -2.80
CA VAL A 482 17.47 -20.78 -3.71
C VAL A 482 16.27 -19.92 -3.35
N ALA A 483 15.74 -19.20 -4.34
CA ALA A 483 14.66 -18.26 -4.07
C ALA A 483 13.43 -18.65 -4.87
N VAL A 484 12.33 -18.85 -4.14
CA VAL A 484 11.06 -19.31 -4.72
C VAL A 484 9.89 -18.60 -4.03
N GLY A 485 8.68 -18.78 -4.56
CA GLY A 485 7.49 -18.24 -3.88
C GLY A 485 6.34 -17.87 -4.79
N GLU A 486 5.54 -16.91 -4.32
CA GLU A 486 4.30 -16.51 -4.99
C GLU A 486 4.61 -15.60 -6.16
N HIS A 487 3.72 -15.59 -7.14
CA HIS A 487 3.77 -14.61 -8.24
C HIS A 487 3.01 -13.34 -7.80
N PRO A 488 3.31 -12.20 -8.45
CA PRO A 488 2.61 -10.96 -8.08
C PRO A 488 1.08 -11.02 -8.25
N TYR A 489 0.37 -10.38 -7.32
CA TYR A 489 -1.08 -10.29 -7.42
C TYR A 489 -1.56 -9.11 -6.61
N THR A 490 -2.79 -8.70 -6.90
CA THR A 490 -3.40 -7.60 -6.25
C THR A 490 -4.92 -7.86 -6.15
N GLU A 491 -5.49 -7.50 -4.99
CA GLU A 491 -6.93 -7.49 -4.79
C GLU A 491 -7.48 -8.89 -5.07
N THR A 492 -8.57 -9.02 -5.81
CA THR A 492 -9.27 -10.35 -5.86
C THR A 492 -8.44 -11.44 -6.55
N LYS A 493 -7.56 -11.05 -7.48
CA LYS A 493 -6.65 -12.02 -8.13
C LYS A 493 -5.74 -12.71 -7.12
N GLY A 494 -5.58 -12.13 -5.93
CA GLY A 494 -4.73 -12.76 -4.91
C GLY A 494 -5.48 -13.64 -3.92
N ASP A 495 -6.81 -13.60 -3.95
CA ASP A 495 -7.62 -14.51 -3.07
C ASP A 495 -7.22 -15.96 -3.40
N ASN A 496 -6.91 -16.74 -2.37
CA ASN A 496 -6.32 -18.05 -2.62
C ASN A 496 -6.66 -18.97 -1.44
N LEU A 497 -7.38 -20.05 -1.72
CA LEU A 497 -7.90 -20.95 -0.69
C LEU A 497 -6.89 -22.06 -0.33
N ASN A 498 -5.88 -22.27 -1.16
CA ASN A 498 -4.89 -23.34 -0.95
C ASN A 498 -3.55 -22.90 -0.38
N LEU A 499 -3.16 -21.65 -0.67
CA LEU A 499 -1.91 -21.07 -0.18
C LEU A 499 -0.68 -21.98 -0.34
N THR A 500 -0.57 -22.57 -1.53
CA THR A 500 0.56 -23.40 -1.89
C THR A 500 1.32 -22.66 -3.00
N ILE A 501 2.64 -22.56 -2.88
CA ILE A 501 3.39 -21.80 -3.92
C ILE A 501 3.35 -22.50 -5.28
N PRO A 502 3.37 -21.70 -6.39
CA PRO A 502 3.40 -22.30 -7.72
C PRO A 502 4.66 -23.13 -7.95
N GLU A 503 4.52 -24.14 -8.78
CA GLU A 503 5.65 -24.94 -9.19
C GLU A 503 6.16 -24.46 -10.55
N PRO A 504 7.47 -24.66 -10.84
CA PRO A 504 8.43 -25.28 -9.92
C PRO A 504 8.83 -24.30 -8.83
N GLY A 505 8.82 -24.78 -7.59
CA GLY A 505 9.29 -24.04 -6.45
C GLY A 505 9.85 -25.07 -5.47
N LEU A 506 8.95 -25.86 -4.90
CA LEU A 506 9.37 -26.92 -4.00
C LEU A 506 10.31 -27.89 -4.74
N SER A 507 9.98 -28.24 -5.98
CA SER A 507 10.81 -29.19 -6.72
C SER A 507 12.25 -28.68 -6.87
N THR A 508 12.41 -27.36 -7.13
CA THR A 508 13.75 -26.78 -7.22
C THR A 508 14.50 -26.85 -5.88
N VAL A 509 13.82 -26.49 -4.80
CA VAL A 509 14.40 -26.52 -3.46
C VAL A 509 14.84 -27.96 -3.13
N GLN A 510 13.97 -28.92 -3.41
CA GLN A 510 14.32 -30.35 -3.18
C GLN A 510 15.53 -30.79 -3.98
N ALA A 511 15.61 -30.40 -5.26
CA ALA A 511 16.75 -30.77 -6.12
C ALA A 511 18.05 -30.14 -5.65
N VAL A 512 17.98 -28.87 -5.28
CA VAL A 512 19.17 -28.16 -4.81
C VAL A 512 19.62 -28.64 -3.43
N CYS A 513 18.72 -28.63 -2.45
CA CYS A 513 19.08 -28.91 -1.06
C CYS A 513 19.50 -30.38 -0.90
N GLY A 514 18.95 -31.24 -1.76
CA GLY A 514 19.40 -32.64 -1.81
C GLY A 514 20.86 -32.86 -2.20
N GLY A 515 21.46 -31.87 -2.87
CA GLY A 515 22.81 -31.97 -3.38
C GLY A 515 23.86 -31.11 -2.68
N VAL A 516 23.43 -30.03 -2.00
CA VAL A 516 24.38 -29.12 -1.34
C VAL A 516 23.59 -28.40 -0.24
N ARG A 517 24.29 -27.90 0.78
CA ARG A 517 23.65 -27.13 1.84
C ARG A 517 23.01 -25.92 1.19
N CYS A 518 21.85 -25.58 1.67
CA CYS A 518 21.04 -24.54 1.00
C CYS A 518 20.32 -23.62 1.95
N ALA A 519 20.29 -22.33 1.58
CA ALA A 519 19.47 -21.35 2.25
C ALA A 519 18.32 -21.03 1.28
N THR A 520 17.10 -21.30 1.72
CA THR A 520 15.91 -21.05 0.91
C THR A 520 15.35 -19.68 1.29
N VAL A 521 15.12 -18.85 0.27
CA VAL A 521 14.51 -17.56 0.47
C VAL A 521 13.11 -17.61 -0.12
N LEU A 522 12.13 -17.48 0.74
CA LEU A 522 10.75 -17.59 0.33
C LEU A 522 10.15 -16.18 0.12
N ILE A 523 9.72 -15.90 -1.11
CA ILE A 523 9.11 -14.59 -1.46
C ILE A 523 7.61 -14.81 -1.47
N SER A 524 6.90 -14.14 -0.57
CA SER A 524 5.45 -14.28 -0.51
C SER A 524 4.79 -13.06 0.13
N GLY A 525 3.49 -12.94 -0.10
CA GLY A 525 2.74 -11.83 0.50
C GLY A 525 2.17 -12.22 1.86
N ARG A 526 2.48 -13.43 2.34
CA ARG A 526 1.70 -14.01 3.47
C ARG A 526 2.30 -15.39 3.80
N PRO A 527 1.95 -15.94 4.96
CA PRO A 527 2.27 -17.37 5.20
C PRO A 527 1.67 -18.22 4.11
N VAL A 528 2.43 -19.25 3.69
CA VAL A 528 1.99 -20.24 2.70
C VAL A 528 2.39 -21.62 3.26
N VAL A 529 1.86 -22.68 2.65
CA VAL A 529 2.17 -24.03 3.15
C VAL A 529 3.70 -24.22 3.09
N VAL A 530 4.33 -24.48 4.22
CA VAL A 530 5.81 -24.37 4.26
C VAL A 530 6.53 -25.62 4.81
N GLN A 531 5.77 -26.57 5.36
CA GLN A 531 6.48 -27.74 5.92
C GLN A 531 7.38 -28.46 4.90
N PRO A 532 6.89 -28.73 3.65
CA PRO A 532 7.80 -29.37 2.69
C PRO A 532 9.05 -28.54 2.36
N LEU A 533 8.91 -27.22 2.23
CA LEU A 533 10.09 -26.39 2.02
C LEU A 533 11.06 -26.47 3.20
N LEU A 534 10.52 -26.47 4.42
CA LEU A 534 11.33 -26.55 5.61
C LEU A 534 12.08 -27.88 5.66
N ALA A 535 11.35 -28.95 5.35
CA ALA A 535 11.93 -30.28 5.49
C ALA A 535 13.17 -30.44 4.60
N ALA A 536 13.14 -29.79 3.43
CA ALA A 536 14.23 -29.85 2.48
C ALA A 536 15.42 -28.94 2.84
N SER A 537 15.13 -27.80 3.47
CA SER A 537 16.13 -26.74 3.58
C SER A 537 16.99 -26.78 4.84
N ASP A 538 18.26 -26.41 4.71
CA ASP A 538 19.11 -26.20 5.87
C ASP A 538 18.69 -24.93 6.58
N ALA A 539 18.50 -23.84 5.81
CA ALA A 539 18.02 -22.59 6.39
C ALA A 539 16.87 -22.11 5.53
N LEU A 540 15.93 -21.40 6.15
CA LEU A 540 14.80 -20.85 5.38
C LEU A 540 14.45 -19.49 5.93
N VAL A 541 14.28 -18.54 5.01
CA VAL A 541 14.00 -17.16 5.36
C VAL A 541 12.67 -16.76 4.70
N ALA A 542 11.75 -16.17 5.47
CA ALA A 542 10.54 -15.58 4.90
C ALA A 542 10.92 -14.13 4.61
N ALA A 543 11.03 -13.81 3.34
CA ALA A 543 11.48 -12.45 2.89
C ALA A 543 10.30 -11.57 2.49
N TRP A 544 9.07 -12.12 2.51
CA TRP A 544 7.84 -11.38 2.16
C TRP A 544 7.99 -10.83 0.74
N LEU A 545 7.67 -9.54 0.53
CA LEU A 545 7.80 -8.95 -0.84
C LEU A 545 8.74 -7.73 -0.67
N PRO A 546 10.06 -7.99 -0.69
CA PRO A 546 10.99 -7.00 -0.17
C PRO A 546 11.24 -5.77 -1.03
N GLY A 547 10.72 -5.75 -2.26
CA GLY A 547 10.84 -4.50 -3.09
C GLY A 547 12.08 -4.49 -3.99
N SER A 548 12.51 -3.30 -4.39
CA SER A 548 13.54 -3.20 -5.45
C SER A 548 14.97 -3.48 -4.98
N GLU A 549 15.21 -3.44 -3.66
CA GLU A 549 16.57 -3.42 -3.14
C GLU A 549 16.96 -4.80 -2.61
N GLY A 550 17.26 -5.68 -3.55
CA GLY A 550 17.55 -7.11 -3.22
C GLY A 550 18.77 -7.28 -2.32
N GLN A 551 19.64 -6.25 -2.26
CA GLN A 551 20.78 -6.25 -1.33
C GLN A 551 20.38 -6.33 0.15
N GLY A 552 19.11 -5.99 0.46
CA GLY A 552 18.58 -6.14 1.82
C GLY A 552 18.63 -7.62 2.23
N VAL A 553 18.34 -8.48 1.26
CA VAL A 553 18.34 -9.94 1.51
C VAL A 553 19.76 -10.44 1.81
N THR A 554 20.69 -10.09 0.94
CA THR A 554 22.06 -10.58 1.07
C THR A 554 22.80 -9.94 2.26
N ASP A 555 22.40 -8.73 2.67
CA ASP A 555 22.94 -8.10 3.89
C ASP A 555 22.79 -9.02 5.11
N ALA A 556 21.69 -9.77 5.14
CA ALA A 556 21.43 -10.67 6.28
C ALA A 556 22.05 -12.08 5.96
N LEU A 557 21.91 -12.55 4.73
CA LEU A 557 22.47 -13.88 4.38
C LEU A 557 23.97 -13.99 4.64
N PHE A 558 24.72 -12.93 4.31
CA PHE A 558 26.16 -12.93 4.45
C PHE A 558 26.66 -12.31 5.77
N GLY A 559 25.73 -12.01 6.67
CA GLY A 559 26.08 -11.55 8.00
C GLY A 559 26.60 -10.12 8.12
N ASP A 560 26.31 -9.27 7.14
CA ASP A 560 26.59 -7.85 7.38
C ASP A 560 25.75 -7.29 8.53
N PHE A 561 24.55 -7.85 8.71
CA PHE A 561 23.66 -7.53 9.81
C PHE A 561 23.08 -8.83 10.27
N GLY A 562 22.66 -8.88 11.54
CA GLY A 562 21.98 -10.09 12.04
C GLY A 562 20.52 -10.09 11.67
N PHE A 563 19.89 -11.28 11.60
CA PHE A 563 18.44 -11.32 11.40
C PHE A 563 17.74 -10.82 12.66
N THR A 564 16.70 -10.01 12.49
CA THR A 564 15.92 -9.49 13.62
C THR A 564 14.39 -9.54 13.43
N GLY A 565 13.91 -9.75 12.20
CA GLY A 565 12.47 -9.70 11.94
C GLY A 565 11.76 -10.80 12.75
N ARG A 566 10.53 -10.51 13.13
CA ARG A 566 9.67 -11.46 13.82
C ARG A 566 8.33 -11.55 13.11
N LEU A 567 7.75 -12.75 13.03
CA LEU A 567 6.45 -12.89 12.35
C LEU A 567 5.43 -11.88 12.83
N PRO A 568 4.82 -11.11 11.89
CA PRO A 568 3.71 -10.23 12.25
C PRO A 568 2.34 -10.91 12.07
N ARG A 569 2.38 -12.19 11.71
CA ARG A 569 1.16 -12.98 11.48
C ARG A 569 1.45 -14.38 11.99
N THR A 570 0.39 -15.11 12.32
CA THR A 570 0.51 -16.54 12.66
C THR A 570 0.90 -17.33 11.40
N TRP A 571 1.81 -18.29 11.54
CA TRP A 571 2.06 -19.19 10.42
C TRP A 571 1.31 -20.49 10.71
N PHE A 572 0.30 -20.76 9.89
CA PHE A 572 -0.58 -21.92 10.09
C PHE A 572 0.13 -23.25 9.76
N LYS A 573 -0.34 -24.35 10.36
CA LYS A 573 0.04 -25.68 9.91
C LYS A 573 -0.70 -26.10 8.65
N SER A 574 -1.97 -25.71 8.53
CA SER A 574 -2.79 -26.17 7.45
C SER A 574 -3.85 -25.09 7.17
N VAL A 575 -4.24 -24.94 5.90
CA VAL A 575 -5.30 -23.95 5.56
C VAL A 575 -6.65 -24.33 6.17
N ASP A 576 -6.87 -25.62 6.47
CA ASP A 576 -8.13 -25.99 7.10
C ASP A 576 -8.24 -25.43 8.53
N GLN A 577 -7.14 -24.93 9.11
CA GLN A 577 -7.21 -24.27 10.40
C GLN A 577 -7.77 -22.84 10.35
N LEU A 578 -7.77 -22.24 9.15
CA LEU A 578 -8.09 -20.82 9.05
C LEU A 578 -9.58 -20.52 9.20
N PRO A 579 -9.92 -19.35 9.77
CA PRO A 579 -9.00 -18.35 10.33
C PRO A 579 -8.46 -18.74 11.69
N MET A 580 -7.20 -18.42 11.94
CA MET A 580 -6.52 -18.72 13.21
C MET A 580 -5.52 -17.64 13.53
N ASN A 581 -5.83 -16.85 14.56
CA ASN A 581 -5.04 -15.68 14.95
C ASN A 581 -4.55 -15.76 16.39
N VAL A 582 -3.43 -15.09 16.67
CA VAL A 582 -2.90 -15.05 18.04
C VAL A 582 -3.99 -14.61 19.03
N GLY A 583 -4.09 -15.29 20.16
CA GLY A 583 -5.14 -15.04 21.13
C GLY A 583 -6.41 -15.86 20.99
N ASP A 584 -6.50 -16.66 19.92
CA ASP A 584 -7.66 -17.52 19.67
C ASP A 584 -7.71 -18.66 20.69
N ALA A 585 -8.92 -19.14 20.98
CA ALA A 585 -9.12 -20.22 21.95
C ALA A 585 -8.33 -21.46 21.51
N HIS A 586 -8.54 -21.89 20.26
CA HIS A 586 -7.75 -23.00 19.77
C HIS A 586 -6.66 -22.46 18.85
N TYR A 587 -5.46 -22.33 19.42
CA TYR A 587 -4.33 -21.73 18.71
C TYR A 587 -3.26 -22.81 18.58
N ASP A 588 -3.11 -23.34 17.36
CA ASP A 588 -2.16 -24.42 17.05
C ASP A 588 -1.28 -24.03 15.84
N PRO A 589 -0.42 -23.02 16.02
CA PRO A 589 0.39 -22.58 14.85
C PRO A 589 1.58 -23.48 14.54
N LEU A 590 2.03 -23.43 13.28
CA LEU A 590 3.36 -23.93 12.95
C LEU A 590 4.40 -23.00 13.61
N PHE A 591 4.26 -21.66 13.43
CA PHE A 591 5.09 -20.69 14.16
C PHE A 591 4.14 -19.61 14.66
N ARG A 592 4.24 -19.28 15.96
CA ARG A 592 3.39 -18.24 16.56
C ARG A 592 3.74 -16.86 16.00
N LEU A 593 2.76 -15.97 16.04
CA LEU A 593 3.04 -14.56 15.85
C LEU A 593 4.18 -14.16 16.80
N GLY A 594 5.17 -13.43 16.27
CA GLY A 594 6.30 -12.99 17.05
C GLY A 594 7.53 -13.91 16.98
N TYR A 595 7.38 -15.09 16.38
CA TYR A 595 8.50 -16.00 16.17
C TYR A 595 9.54 -15.45 15.20
N GLY A 596 10.81 -15.63 15.52
CA GLY A 596 11.87 -15.37 14.56
C GLY A 596 13.22 -15.72 15.16
N LEU A 597 14.00 -16.48 14.42
CA LEU A 597 15.35 -16.83 14.86
C LEU A 597 16.24 -15.63 14.60
N THR A 598 17.37 -15.56 15.29
CA THR A 598 18.28 -14.45 15.10
C THR A 598 19.67 -14.94 14.72
N THR A 599 20.49 -14.03 14.18
CA THR A 599 21.90 -14.26 13.99
C THR A 599 22.59 -13.00 14.44
N ASN A 600 23.91 -13.06 14.52
CA ASN A 600 24.71 -11.88 14.78
C ASN A 600 25.57 -11.53 13.61
N ALA A 601 25.75 -10.23 13.38
CA ALA A 601 26.62 -9.73 12.33
C ALA A 601 28.01 -10.37 12.48
N THR A 602 28.63 -10.73 11.37
CA THR A 602 29.98 -11.31 11.40
C THR A 602 31.00 -10.27 11.84
C1 NAG B . -19.45 -12.79 -0.78
C2 NAG B . -20.60 -11.90 -1.28
C3 NAG B . -21.73 -12.75 -1.88
C4 NAG B . -21.19 -13.72 -2.94
C5 NAG B . -20.06 -14.53 -2.30
C6 NAG B . -19.33 -15.47 -3.26
C7 NAG B . -20.83 -9.77 -0.11
C8 NAG B . -21.43 -9.05 1.07
N2 NAG B . -21.09 -11.08 -0.21
O3 NAG B . -22.79 -11.94 -2.40
O4 NAG B . -22.24 -14.55 -3.36
O5 NAG B . -19.08 -13.62 -1.85
O6 NAG B . -18.93 -14.76 -4.42
O7 NAG B . -20.15 -9.17 -0.92
C1 NAG B . -22.35 -14.63 -4.79
C2 NAG B . -23.10 -15.92 -5.18
C3 NAG B . -23.30 -16.02 -6.70
C4 NAG B . -23.93 -14.74 -7.25
C5 NAG B . -23.20 -13.48 -6.72
C6 NAG B . -23.96 -12.22 -7.08
C7 NAG B . -22.86 -17.70 -3.52
C8 NAG B . -22.11 -18.93 -3.10
N2 NAG B . -22.47 -17.13 -4.66
O3 NAG B . -24.14 -17.12 -6.99
O4 NAG B . -23.85 -14.77 -8.66
O5 NAG B . -23.01 -13.50 -5.31
O6 NAG B . -23.05 -11.14 -7.10
O7 NAG B . -23.77 -17.27 -2.81
C1 BMA B . -25.16 -14.75 -9.28
C2 BMA B . -25.03 -14.22 -10.72
C3 BMA B . -26.36 -14.32 -11.49
C4 BMA B . -26.99 -15.71 -11.31
C5 BMA B . -27.09 -16.06 -9.82
C6 BMA B . -27.69 -17.46 -9.62
O2 BMA B . -24.00 -14.93 -11.38
O3 BMA B . -26.16 -14.01 -12.85
O4 BMA B . -28.29 -15.76 -11.90
O5 BMA B . -25.81 -16.01 -9.22
O6 BMA B . -28.33 -17.49 -8.36
C1 NAG C . -4.24 -22.16 -5.36
C2 NAG C . -3.87 -22.97 -6.60
C3 NAG C . -3.29 -22.09 -7.73
C4 NAG C . -4.11 -20.80 -7.94
C5 NAG C . -4.58 -20.19 -6.61
C6 NAG C . -5.57 -19.03 -6.78
C7 NAG C . -3.45 -25.38 -6.26
C8 NAG C . -4.89 -25.64 -6.69
N2 NAG C . -3.02 -24.11 -6.24
O3 NAG C . -3.38 -22.91 -8.87
O4 NAG C . -3.33 -19.84 -8.67
O5 NAG C . -5.16 -21.18 -5.78
O6 NAG C . -6.83 -19.54 -7.11
O7 NAG C . -2.73 -26.33 -5.93
C1 NAG C . -4.00 -19.38 -9.86
C2 NAG C . -3.24 -18.21 -10.51
C3 NAG C . -3.93 -17.76 -11.82
C4 NAG C . -4.35 -18.93 -12.71
C5 NAG C . -5.02 -20.07 -11.92
C6 NAG C . -5.25 -21.31 -12.79
C7 NAG C . -1.95 -16.69 -8.96
C8 NAG C . -0.74 -17.57 -9.14
N2 NAG C . -3.08 -17.06 -9.62
O3 NAG C . -3.12 -16.85 -12.54
O4 NAG C . -5.28 -18.47 -13.68
O5 NAG C . -4.21 -20.41 -10.81
O6 NAG C . -5.58 -22.41 -11.96
O7 NAG C . -1.87 -15.69 -8.22
C1 BMA C . -4.75 -18.58 -15.02
C2 BMA C . -5.86 -18.29 -16.03
C3 BMA C . -5.31 -18.17 -17.48
C4 BMA C . -4.08 -17.24 -17.49
C5 BMA C . -3.06 -17.86 -16.52
C6 BMA C . -1.67 -17.20 -16.53
O2 BMA C . -6.56 -17.11 -15.66
O3 BMA C . -6.31 -17.78 -18.41
O4 BMA C . -3.56 -17.08 -18.78
O5 BMA C . -3.60 -17.77 -15.22
O6 BMA C . -1.11 -17.48 -15.27
C1 MAN C . 0.27 -17.04 -15.18
C2 MAN C . 0.87 -17.62 -13.89
C3 MAN C . 0.24 -16.94 -12.66
C4 MAN C . 0.38 -15.42 -12.75
C5 MAN C . -0.21 -14.94 -14.09
C6 MAN C . -0.13 -13.42 -14.28
O2 MAN C . 2.25 -17.32 -13.85
O3 MAN C . 0.86 -17.43 -11.48
O4 MAN C . -0.27 -14.80 -11.69
O5 MAN C . 0.43 -15.62 -15.18
O6 MAN C . -0.55 -13.10 -15.60
C1 NAG C . 3.06 -18.31 -14.49
C2 NAG C . 4.39 -17.60 -14.82
C3 NAG C . 5.40 -18.59 -15.40
C4 NAG C . 5.51 -19.84 -14.51
C5 NAG C . 4.12 -20.45 -14.23
C6 NAG C . 4.16 -21.63 -13.24
C7 NAG C . 4.16 -15.14 -15.22
C8 NAG C . 3.78 -14.09 -16.23
N2 NAG C . 4.08 -16.42 -15.64
O3 NAG C . 6.67 -17.97 -15.50
O4 NAG C . 6.39 -20.81 -15.04
O5 NAG C . 3.25 -19.47 -13.69
O6 NAG C . 4.76 -21.24 -12.02
O7 NAG C . 4.54 -14.78 -14.09
C1 FUL C . -2.38 -22.86 -9.92
C2 FUL C . -2.08 -24.23 -10.48
O2 FUL C . -3.14 -25.17 -10.24
C3 FUL C . -1.91 -23.91 -11.97
O3 FUL C . -1.75 -25.11 -12.74
C4 FUL C . -0.74 -22.90 -12.15
O4 FUL C . 0.51 -23.58 -12.02
C5 FUL C . -0.80 -21.71 -11.16
C6 FUL C . 0.46 -20.84 -11.17
O5 FUL C . -1.12 -22.15 -9.81
C1 NAG D . 23.22 -10.89 18.65
C2 NAG D . 23.62 -9.56 19.32
C3 NAG D . 22.63 -9.14 20.42
C4 NAG D . 21.17 -9.37 20.03
C5 NAG D . 20.95 -10.76 19.39
C6 NAG D . 19.52 -11.01 18.91
C7 NAG D . 25.97 -8.90 19.46
C8 NAG D . 27.30 -9.12 20.15
N2 NAG D . 24.96 -9.65 19.90
O3 NAG D . 22.79 -7.77 20.70
O4 NAG D . 20.37 -9.16 21.18
O5 NAG D . 21.84 -10.89 18.30
O6 NAG D . 19.12 -10.00 18.00
O7 NAG D . 25.87 -8.06 18.56
C1 NAG D . 19.26 -8.27 20.90
C2 NAG D . 18.20 -8.37 22.01
C3 NAG D . 17.04 -7.40 21.75
C4 NAG D . 17.53 -6.00 21.37
C5 NAG D . 18.54 -6.13 20.23
C6 NAG D . 19.03 -4.80 19.69
C7 NAG D . 18.14 -10.57 23.07
C8 NAG D . 17.53 -11.96 23.05
N2 NAG D . 17.71 -9.73 22.12
O3 NAG D . 16.18 -7.40 22.86
O4 NAG D . 16.45 -5.19 20.94
O5 NAG D . 19.64 -6.91 20.69
O6 NAG D . 19.83 -4.20 20.67
O7 NAG D . 18.99 -10.27 23.91
C1 BMA D . 16.02 -4.21 21.91
C2 BMA D . 15.22 -3.12 21.17
C3 BMA D . 14.73 -2.05 22.15
C4 BMA D . 13.93 -2.72 23.27
C5 BMA D . 14.82 -3.79 23.94
C6 BMA D . 14.21 -4.45 25.19
O2 BMA D . 14.09 -3.72 20.57
O3 BMA D . 13.96 -1.07 21.48
O4 BMA D . 13.45 -1.77 24.20
O5 BMA D . 15.21 -4.75 22.97
O6 BMA D . 12.90 -4.91 24.97
C1 XYP D . 14.10 -3.65 19.13
C2 XYP D . 13.24 -4.81 18.65
C3 XYP D . 13.05 -4.76 17.12
C4 XYP D . 12.64 -3.35 16.67
C5 XYP D . 13.62 -2.33 17.24
O2 XYP D . 13.80 -6.04 19.04
O3 XYP D . 12.08 -5.70 16.72
O4 XYP D . 12.62 -3.28 15.27
O5 XYP D . 13.65 -2.46 18.66
C1 FUL D . 23.37 -7.55 22.01
C2 FUL D . 22.28 -7.08 22.99
O2 FUL D . 21.95 -8.12 23.90
C3 FUL D . 22.72 -5.84 23.76
O3 FUL D . 21.63 -5.41 24.58
C4 FUL D . 23.19 -4.72 22.80
O4 FUL D . 22.06 -4.06 22.19
C5 FUL D . 24.18 -5.23 21.74
C6 FUL D . 23.79 -4.92 20.28
O5 FUL D . 24.47 -6.64 21.94
C2 BGC E . -8.35 -0.41 -4.40
C3 BGC E . -7.72 0.73 -3.60
C4 BGC E . -7.02 1.68 -4.56
C5 BGC E . -8.04 2.17 -5.60
C6 BGC E . -7.42 3.23 -6.51
C1 BGC E . -9.15 0.08 -5.61
O1 BGC E . -9.54 -1.03 -6.39
O2 BGC E . -9.28 -1.12 -3.63
O3 BGC E . -6.73 0.24 -2.72
O4 BGC E . -6.44 2.76 -3.86
O5 BGC E . -8.44 1.05 -6.37
O6 BGC E . -6.63 2.58 -7.49
C2 BGC F . -8.08 -1.03 -10.03
C3 BGC F . -7.33 0.17 -10.60
C4 BGC F . -6.90 -0.16 -12.03
C5 BGC F . -8.04 -0.77 -12.88
C6 BGC F . -7.47 -1.46 -14.12
C1 BGC F . -9.29 -1.19 -10.91
O1 BGC F . -10.23 -2.08 -10.36
O2 BGC F . -8.40 -0.86 -8.67
O3 BGC F . -6.22 0.48 -9.80
O4 BGC F . -6.42 1.01 -12.65
O5 BGC F . -8.83 -1.69 -12.15
O6 BGC F . -8.00 -2.78 -14.25
C1 GOL G . 21.34 0.06 10.80
O1 GOL G . 20.91 0.10 9.46
C2 GOL G . 20.36 -0.78 11.61
O2 GOL G . 19.84 -0.01 12.66
C3 GOL G . 21.04 -2.01 12.19
O3 GOL G . 22.24 -1.65 12.84
C1 GOL H . 5.38 -9.90 19.03
O1 GOL H . 4.36 -8.93 19.03
C2 GOL H . 6.73 -9.22 18.95
O2 GOL H . 7.76 -10.20 18.93
C3 GOL H . 6.90 -8.23 20.10
O3 GOL H . 6.98 -6.92 19.57
C1 GOL I . -22.98 31.86 -7.42
O1 GOL I . -24.09 31.07 -7.73
C2 GOL I . -23.09 32.36 -5.99
O2 GOL I . -23.96 31.59 -5.19
C3 GOL I . -23.56 33.81 -6.02
O3 GOL I . -22.43 34.62 -5.81
S SO4 J . -31.16 22.25 2.50
O1 SO4 J . -31.15 23.72 2.33
O2 SO4 J . -31.37 21.65 1.16
O3 SO4 J . -29.90 21.82 3.18
O4 SO4 J . -32.28 21.86 3.41
#